data_1B8A
#
_entry.id   1B8A
#
_cell.length_a   124.800
_cell.length_b   125.000
_cell.length_c   87.160
_cell.angle_alpha   90.00
_cell.angle_beta   90.00
_cell.angle_gamma   90.00
#
_symmetry.space_group_name_H-M   'P 21 21 2'
#
loop_
_entity.id
_entity.type
_entity.pdbx_description
1 polymer 'PROTEIN (ASPARTYL-TRNA SYNTHETASE)'
2 non-polymer 'MANGANESE (II) ION'
3 non-polymer "ADENOSINE-5'-TRIPHOSPHATE"
4 water water
#
_entity_poly.entity_id   1
_entity_poly.type   'polypeptide(L)'
_entity_poly.pdbx_seq_one_letter_code
;MYRTHYSSEITEELNGQKVKVAGWVWEVKDLGGIKFLWIRDRDGIVQITAPKKKVDPELFKLIPKLRSEDVVAVEGVVNF
TPKAKLGFEILPEKIVVLNRAETPLPLDPTGKVKAELDTRLNNRFMDLRRPEVMAIFKIRSSVFKAVRDFFHENGFIEIH
TPKIIATATEGGTELFPMKYFEEDAFLAESPQLYKEIMMASGLDRVYEIAPIFRAEEHNTTRHLNEAWSIDSEMAFIEDE
EEVMSFLERLVAHAINYVREHNAKELDILNFELEEPKLPFPRVSYDKALEILGDLGKEIPWGEDIDTEGERLLGKYMMEN
ENAPLYFLYQYPSEAKPFYIMKYDNKPEICRAFDLEYRGVEISSGGQREHRHDILVEQIKEKGLNPESFEFYLKAFRYGM
PPHGGFGLGAERLIKQMLDLPNIREVILFPRDRRRLTP
;
_entity_poly.pdbx_strand_id   A,B
#
# COMPACT_ATOMS: atom_id res chain seq x y z
N MET A 1 -21.31 -18.61 3.66
CA MET A 1 -19.92 -19.09 3.64
C MET A 1 -19.90 -20.55 4.07
N TYR A 2 -18.93 -21.32 3.57
CA TYR A 2 -18.80 -22.70 3.96
C TYR A 2 -18.14 -22.91 5.32
N ARG A 3 -17.56 -21.87 5.91
CA ARG A 3 -17.00 -22.06 7.24
C ARG A 3 -17.40 -20.92 8.16
N THR A 4 -17.46 -21.22 9.45
CA THR A 4 -17.77 -20.19 10.43
C THR A 4 -16.53 -19.94 11.27
N HIS A 5 -15.70 -20.97 11.40
CA HIS A 5 -14.52 -20.87 12.24
C HIS A 5 -13.27 -21.51 11.65
N TYR A 6 -12.12 -20.84 11.82
CA TYR A 6 -10.85 -21.42 11.44
C TYR A 6 -10.48 -22.30 12.61
N SER A 7 -9.55 -23.22 12.39
CA SER A 7 -9.09 -24.13 13.42
C SER A 7 -8.65 -23.42 14.70
N SER A 8 -8.07 -22.23 14.53
CA SER A 8 -7.58 -21.44 15.66
C SER A 8 -8.66 -20.68 16.42
N GLU A 9 -9.87 -20.66 15.90
CA GLU A 9 -10.94 -19.89 16.52
C GLU A 9 -11.87 -20.72 17.37
N ILE A 10 -11.55 -22.00 17.52
CA ILE A 10 -12.39 -22.87 18.32
C ILE A 10 -11.83 -23.04 19.73
N THR A 11 -12.58 -22.52 20.70
CA THR A 11 -12.19 -22.58 22.10
C THR A 11 -13.22 -23.28 23.00
N GLU A 12 -12.83 -23.50 24.26
CA GLU A 12 -13.67 -24.14 25.28
C GLU A 12 -15.07 -23.56 25.26
N GLU A 13 -15.13 -22.24 25.10
CA GLU A 13 -16.39 -21.51 25.06
C GLU A 13 -17.40 -22.13 24.10
N LEU A 14 -16.90 -22.70 23.01
CA LEU A 14 -17.80 -23.28 22.03
C LEU A 14 -18.10 -24.75 22.22
N ASN A 15 -17.64 -25.35 23.31
CA ASN A 15 -17.88 -26.77 23.50
C ASN A 15 -19.37 -27.06 23.38
N GLY A 16 -19.72 -28.10 22.62
CA GLY A 16 -21.11 -28.47 22.45
C GLY A 16 -21.89 -27.69 21.39
N GLN A 17 -21.28 -26.66 20.82
CA GLN A 17 -21.97 -25.85 19.82
C GLN A 17 -21.67 -26.30 18.39
N LYS A 18 -22.56 -25.95 17.47
CA LYS A 18 -22.37 -26.32 16.09
C LYS A 18 -21.56 -25.25 15.35
N VAL A 19 -20.60 -25.70 14.53
CA VAL A 19 -19.77 -24.79 13.76
C VAL A 19 -19.54 -25.40 12.37
N LYS A 20 -18.96 -24.62 11.47
CA LYS A 20 -18.61 -25.10 10.15
C LYS A 20 -17.11 -24.86 9.94
N VAL A 21 -16.36 -25.92 9.67
CA VAL A 21 -14.94 -25.76 9.42
C VAL A 21 -14.76 -26.15 7.97
N ALA A 22 -13.66 -25.72 7.37
CA ALA A 22 -13.43 -26.08 5.98
C ALA A 22 -11.94 -25.96 5.66
N GLY A 23 -11.51 -26.74 4.67
CA GLY A 23 -10.12 -26.67 4.29
C GLY A 23 -9.73 -27.81 3.37
N TRP A 24 -8.46 -28.21 3.45
CA TRP A 24 -7.89 -29.27 2.61
C TRP A 24 -7.72 -30.57 3.38
N VAL A 25 -8.06 -31.69 2.74
CA VAL A 25 -7.93 -33.00 3.39
C VAL A 25 -6.46 -33.26 3.69
N TRP A 26 -6.19 -33.47 4.96
CA TRP A 26 -4.81 -33.71 5.42
C TRP A 26 -4.55 -35.19 5.70
N GLU A 27 -5.49 -35.84 6.38
CA GLU A 27 -5.33 -37.26 6.67
C GLU A 27 -6.68 -37.94 6.88
N VAL A 28 -6.78 -39.19 6.48
CA VAL A 28 -8.01 -39.95 6.66
C VAL A 28 -7.61 -41.29 7.25
N LYS A 29 -8.36 -41.72 8.25
CA LYS A 29 -8.09 -43.02 8.89
C LYS A 29 -9.40 -43.77 8.64
N ASP A 30 -9.35 -44.77 7.78
CA ASP A 30 -10.55 -45.53 7.41
C ASP A 30 -10.63 -46.85 8.18
N LEU A 31 -11.42 -46.87 9.26
CA LEU A 31 -11.53 -48.07 10.08
C LEU A 31 -12.95 -48.64 10.07
N GLY A 32 -13.07 -49.92 10.43
CA GLY A 32 -14.38 -50.55 10.41
C GLY A 32 -15.47 -49.90 11.25
N GLY A 33 -15.13 -49.46 12.45
CA GLY A 33 -16.18 -48.87 13.28
C GLY A 33 -16.09 -47.38 13.47
N ILE A 34 -15.21 -46.73 12.73
CA ILE A 34 -15.04 -45.29 12.90
C ILE A 34 -14.13 -44.74 11.83
N LYS A 35 -14.35 -43.48 11.47
CA LYS A 35 -13.47 -42.84 10.51
C LYS A 35 -13.04 -41.53 11.17
N PHE A 36 -11.79 -41.16 10.91
CA PHE A 36 -11.24 -39.90 11.42
C PHE A 36 -10.79 -39.16 10.18
N LEU A 37 -11.03 -37.86 10.17
CA LEU A 37 -10.64 -37.04 9.03
C LEU A 37 -10.00 -35.79 9.61
N TRP A 38 -8.83 -35.44 9.11
CA TRP A 38 -8.18 -34.22 9.57
C TRP A 38 -8.16 -33.27 8.39
N ILE A 39 -8.52 -32.01 8.61
CA ILE A 39 -8.48 -31.06 7.51
C ILE A 39 -7.55 -29.92 7.94
N ARG A 40 -6.96 -29.27 6.95
CA ARG A 40 -5.99 -28.20 7.22
C ARG A 40 -6.50 -26.89 6.67
N ASP A 41 -6.46 -25.85 7.50
CA ASP A 41 -6.80 -24.52 7.03
C ASP A 41 -5.56 -23.65 7.26
N ARG A 42 -5.65 -22.36 7.00
CA ARG A 42 -4.45 -21.53 7.10
C ARG A 42 -3.82 -21.47 8.46
N ASP A 43 -4.55 -21.83 9.53
CA ASP A 43 -3.98 -21.78 10.87
C ASP A 43 -3.59 -23.11 11.46
N GLY A 44 -4.04 -24.21 10.86
CA GLY A 44 -3.67 -25.48 11.44
C GLY A 44 -4.59 -26.60 11.01
N ILE A 45 -4.58 -27.66 11.81
CA ILE A 45 -5.38 -28.86 11.54
C ILE A 45 -6.57 -28.98 12.49
N VAL A 46 -7.66 -29.58 11.98
CA VAL A 46 -8.85 -29.83 12.79
C VAL A 46 -9.21 -31.31 12.64
N GLN A 47 -9.46 -31.98 13.76
CA GLN A 47 -9.83 -33.39 13.73
C GLN A 47 -11.34 -33.55 13.64
N ILE A 48 -11.78 -34.39 12.71
CA ILE A 48 -13.20 -34.69 12.52
C ILE A 48 -13.30 -36.16 12.92
N THR A 49 -14.15 -36.46 13.90
CA THR A 49 -14.31 -37.82 14.44
C THR A 49 -15.70 -38.36 14.13
N ALA A 50 -15.73 -39.48 13.41
CA ALA A 50 -16.98 -40.07 12.95
C ALA A 50 -17.25 -41.54 13.33
N PRO A 51 -17.69 -41.80 14.58
CA PRO A 51 -17.97 -43.17 15.00
C PRO A 51 -19.16 -43.66 14.19
N LYS A 52 -19.12 -44.93 13.78
CA LYS A 52 -20.21 -45.50 13.01
C LYS A 52 -21.56 -45.37 13.73
N LYS A 53 -21.57 -45.60 15.04
CA LYS A 53 -22.81 -45.53 15.83
C LYS A 53 -23.41 -44.13 15.88
N LYS A 54 -22.57 -43.12 15.65
CA LYS A 54 -22.95 -41.73 15.76
C LYS A 54 -23.26 -40.92 14.52
N VAL A 55 -22.68 -41.25 13.38
CA VAL A 55 -22.95 -40.44 12.20
C VAL A 55 -23.86 -41.05 11.17
N ASP A 56 -24.33 -40.15 10.31
CA ASP A 56 -25.19 -40.50 9.20
C ASP A 56 -24.37 -41.49 8.37
N PRO A 57 -25.01 -42.60 7.94
CA PRO A 57 -24.36 -43.66 7.13
C PRO A 57 -23.72 -43.18 5.85
N GLU A 58 -24.31 -42.15 5.23
CA GLU A 58 -23.77 -41.62 4.00
C GLU A 58 -22.46 -40.88 4.29
N LEU A 59 -22.40 -40.23 5.45
CA LEU A 59 -21.20 -39.47 5.82
C LEU A 59 -20.08 -40.44 6.15
N PHE A 60 -20.44 -41.53 6.82
CA PHE A 60 -19.49 -42.59 7.19
C PHE A 60 -18.84 -43.18 5.92
N LYS A 61 -19.63 -43.38 4.87
CA LYS A 61 -19.11 -43.96 3.64
C LYS A 61 -18.37 -42.94 2.78
N LEU A 62 -18.68 -41.68 3.00
CA LEU A 62 -18.04 -40.63 2.23
C LEU A 62 -16.59 -40.43 2.59
N ILE A 63 -16.30 -40.39 3.89
CA ILE A 63 -14.92 -40.12 4.31
C ILE A 63 -13.81 -40.93 3.66
N PRO A 64 -13.94 -42.26 3.54
CA PRO A 64 -12.88 -43.06 2.92
C PRO A 64 -12.60 -42.67 1.46
N LYS A 65 -13.58 -42.03 0.81
CA LYS A 65 -13.43 -41.63 -0.59
C LYS A 65 -12.66 -40.31 -0.72
N LEU A 66 -12.44 -39.62 0.40
CA LEU A 66 -11.71 -38.34 0.33
C LEU A 66 -10.24 -38.61 0.08
N ARG A 67 -9.56 -37.69 -0.60
CA ARG A 67 -8.14 -37.84 -0.90
C ARG A 67 -7.37 -36.60 -0.49
N SER A 68 -6.07 -36.74 -0.27
CA SER A 68 -5.21 -35.64 0.13
C SER A 68 -5.40 -34.40 -0.75
N GLU A 69 -5.52 -33.26 -0.08
CA GLU A 69 -5.71 -31.95 -0.72
C GLU A 69 -7.06 -31.68 -1.36
N ASP A 70 -8.01 -32.61 -1.24
CA ASP A 70 -9.38 -32.33 -1.71
C ASP A 70 -9.84 -31.18 -0.79
N VAL A 71 -10.72 -30.31 -1.30
CA VAL A 71 -11.26 -29.20 -0.48
C VAL A 71 -12.66 -29.60 -0.02
N VAL A 72 -12.86 -29.60 1.29
CA VAL A 72 -14.13 -30.00 1.91
C VAL A 72 -14.59 -29.01 2.95
N ALA A 73 -15.89 -29.06 3.29
CA ALA A 73 -16.45 -28.19 4.33
C ALA A 73 -17.21 -29.12 5.24
N VAL A 74 -17.16 -28.86 6.53
CA VAL A 74 -17.80 -29.75 7.48
C VAL A 74 -18.63 -28.98 8.51
N GLU A 75 -19.87 -29.40 8.70
CA GLU A 75 -20.67 -28.77 9.73
C GLU A 75 -20.80 -29.86 10.81
N GLY A 76 -20.54 -29.49 12.06
CA GLY A 76 -20.63 -30.49 13.10
C GLY A 76 -20.59 -29.84 14.45
N VAL A 77 -20.52 -30.68 15.49
CA VAL A 77 -20.51 -30.19 16.86
C VAL A 77 -19.12 -30.22 17.50
N VAL A 78 -18.75 -29.13 18.14
CA VAL A 78 -17.48 -29.05 18.84
C VAL A 78 -17.51 -29.95 20.08
N ASN A 79 -16.47 -30.77 20.24
CA ASN A 79 -16.41 -31.67 21.41
C ASN A 79 -14.99 -31.67 21.98
N PHE A 80 -14.80 -31.04 23.14
CA PHE A 80 -13.49 -31.02 23.77
C PHE A 80 -13.29 -32.34 24.48
N THR A 81 -12.06 -32.85 24.40
CA THR A 81 -11.74 -34.12 25.01
C THR A 81 -10.25 -34.33 24.99
N PRO A 82 -9.71 -34.86 26.10
CA PRO A 82 -8.26 -35.09 26.15
C PRO A 82 -7.83 -36.16 25.14
N LYS A 83 -8.79 -36.90 24.59
CA LYS A 83 -8.42 -37.92 23.60
C LYS A 83 -8.04 -37.34 22.22
N ALA A 84 -8.34 -36.06 22.02
CA ALA A 84 -8.00 -35.39 20.76
C ALA A 84 -6.71 -34.64 21.05
N LYS A 85 -5.65 -34.98 20.33
CA LYS A 85 -4.36 -34.34 20.55
C LYS A 85 -4.40 -32.82 20.52
N LEU A 86 -5.33 -32.23 19.76
CA LEU A 86 -5.40 -30.78 19.70
C LEU A 86 -6.42 -30.21 20.68
N GLY A 87 -6.98 -31.08 21.51
CA GLY A 87 -7.91 -30.59 22.51
C GLY A 87 -9.39 -30.79 22.24
N PHE A 88 -9.78 -30.80 20.97
CA PHE A 88 -11.18 -30.98 20.62
C PHE A 88 -11.27 -31.65 19.26
N GLU A 89 -12.47 -32.08 18.93
CA GLU A 89 -12.75 -32.72 17.66
C GLU A 89 -14.12 -32.18 17.26
N ILE A 90 -14.44 -32.34 15.97
CA ILE A 90 -15.74 -31.94 15.47
C ILE A 90 -16.47 -33.25 15.17
N LEU A 91 -17.69 -33.40 15.71
CA LEU A 91 -18.54 -34.58 15.46
C LEU A 91 -19.37 -34.06 14.30
N PRO A 92 -19.10 -34.55 13.10
CA PRO A 92 -19.76 -34.13 11.86
C PRO A 92 -21.20 -34.51 11.63
N GLU A 93 -21.95 -33.56 11.10
CA GLU A 93 -23.37 -33.76 10.74
C GLU A 93 -23.46 -33.79 9.22
N LYS A 94 -22.64 -32.98 8.57
CA LYS A 94 -22.67 -32.91 7.11
C LYS A 94 -21.30 -32.61 6.56
N ILE A 95 -20.96 -33.26 5.46
CA ILE A 95 -19.67 -33.03 4.83
C ILE A 95 -19.92 -32.78 3.34
N VAL A 96 -19.35 -31.70 2.82
CA VAL A 96 -19.49 -31.42 1.40
C VAL A 96 -18.10 -31.35 0.76
N VAL A 97 -17.96 -31.98 -0.42
CA VAL A 97 -16.69 -31.95 -1.14
C VAL A 97 -16.80 -30.79 -2.11
N LEU A 98 -15.98 -29.76 -1.89
CA LEU A 98 -16.03 -28.58 -2.74
C LEU A 98 -15.19 -28.73 -4.01
N ASN A 99 -14.05 -29.42 -3.93
CA ASN A 99 -13.26 -29.60 -5.15
C ASN A 99 -12.27 -30.71 -4.89
N ARG A 100 -11.96 -31.47 -5.91
CA ARG A 100 -11.05 -32.61 -5.78
C ARG A 100 -9.66 -32.32 -6.31
N ALA A 101 -8.63 -32.83 -5.64
CA ALA A 101 -7.27 -32.56 -6.08
C ALA A 101 -6.71 -33.65 -6.99
N GLU A 102 -5.94 -33.25 -8.00
CA GLU A 102 -5.31 -34.23 -8.88
C GLU A 102 -4.04 -34.70 -8.18
N THR A 103 -3.45 -35.77 -8.70
CA THR A 103 -2.22 -36.31 -8.17
C THR A 103 -1.38 -36.65 -9.40
N PRO A 104 -0.05 -36.53 -9.31
CA PRO A 104 0.75 -36.10 -8.16
C PRO A 104 0.67 -34.58 -7.93
N LEU A 105 0.94 -34.15 -6.71
CA LEU A 105 0.94 -32.72 -6.36
C LEU A 105 2.26 -32.12 -6.84
N PRO A 106 2.25 -30.83 -7.24
CA PRO A 106 3.47 -30.14 -7.71
C PRO A 106 4.55 -30.10 -6.63
N LEU A 107 4.11 -30.00 -5.38
CA LEU A 107 5.03 -29.96 -4.24
C LEU A 107 4.41 -30.82 -3.15
N ASP A 108 5.21 -31.21 -2.18
CA ASP A 108 4.75 -32.06 -1.08
C ASP A 108 4.40 -31.21 0.13
N PRO A 109 3.10 -31.04 0.41
CA PRO A 109 2.65 -30.24 1.54
C PRO A 109 2.92 -30.84 2.90
N THR A 110 3.31 -32.12 2.94
CA THR A 110 3.57 -32.77 4.22
C THR A 110 4.95 -32.39 4.68
N GLY A 111 5.76 -31.87 3.76
CA GLY A 111 7.11 -31.47 4.09
C GLY A 111 8.15 -32.58 4.09
N LYS A 112 7.73 -33.82 3.85
CA LYS A 112 8.68 -34.94 3.83
C LYS A 112 9.65 -34.87 2.67
N VAL A 113 9.12 -34.59 1.47
CA VAL A 113 9.96 -34.48 0.28
C VAL A 113 10.29 -33.01 0.03
N LYS A 114 11.56 -32.67 0.12
CA LYS A 114 12.00 -31.30 -0.10
C LYS A 114 12.09 -30.93 -1.59
N ALA A 115 11.90 -29.65 -1.89
CA ALA A 115 11.98 -29.19 -3.27
C ALA A 115 12.89 -27.97 -3.29
N GLU A 116 13.53 -27.71 -4.43
CA GLU A 116 14.41 -26.55 -4.54
C GLU A 116 13.57 -25.27 -4.62
N LEU A 117 14.20 -24.14 -4.34
CA LEU A 117 13.51 -22.86 -4.36
C LEU A 117 12.80 -22.59 -5.68
N ASP A 118 13.49 -22.81 -6.80
CA ASP A 118 12.85 -22.54 -8.10
C ASP A 118 11.53 -23.27 -8.29
N THR A 119 11.49 -24.54 -7.86
CA THR A 119 10.28 -25.32 -8.01
C THR A 119 9.18 -24.80 -7.09
N ARG A 120 9.57 -24.35 -5.91
CA ARG A 120 8.60 -23.81 -4.96
C ARG A 120 8.05 -22.49 -5.51
N LEU A 121 8.92 -21.63 -6.02
CA LEU A 121 8.46 -20.37 -6.59
C LEU A 121 7.53 -20.63 -7.80
N ASN A 122 7.76 -21.72 -8.53
CA ASN A 122 6.88 -22.02 -9.67
C ASN A 122 5.49 -22.54 -9.25
N ASN A 123 5.37 -22.95 -8.00
CA ASN A 123 4.12 -23.51 -7.48
C ASN A 123 3.83 -22.88 -6.12
N ARG A 124 3.81 -21.56 -6.11
CA ARG A 124 3.60 -20.82 -4.87
C ARG A 124 2.30 -21.18 -4.15
N PHE A 125 1.21 -21.46 -4.88
CA PHE A 125 -0.06 -21.83 -4.22
C PHE A 125 0.12 -23.13 -3.41
N MET A 126 1.00 -24.02 -3.86
CA MET A 126 1.25 -25.24 -3.09
C MET A 126 2.20 -24.92 -1.91
N ASP A 127 3.20 -24.11 -2.18
CA ASP A 127 4.23 -23.77 -1.20
C ASP A 127 3.66 -23.17 0.08
N LEU A 128 2.67 -22.28 -0.04
CA LEU A 128 2.11 -21.71 1.19
C LEU A 128 1.24 -22.66 2.03
N ARG A 129 0.98 -23.86 1.53
CA ARG A 129 0.22 -24.80 2.34
C ARG A 129 1.07 -25.36 3.47
N ARG A 130 2.38 -25.14 3.39
CA ARG A 130 3.29 -25.58 4.46
C ARG A 130 3.34 -24.44 5.48
N PRO A 131 3.15 -24.76 6.77
CA PRO A 131 3.16 -23.78 7.85
C PRO A 131 4.36 -22.83 7.88
N GLU A 132 5.55 -23.33 7.57
CA GLU A 132 6.72 -22.45 7.64
C GLU A 132 6.73 -21.38 6.52
N VAL A 133 6.03 -21.64 5.41
CA VAL A 133 6.00 -20.66 4.32
C VAL A 133 4.84 -19.71 4.59
N MET A 134 3.68 -20.27 4.93
CA MET A 134 2.53 -19.43 5.27
C MET A 134 3.00 -18.44 6.38
N ALA A 135 3.82 -18.94 7.30
CA ALA A 135 4.29 -18.10 8.40
C ALA A 135 4.97 -16.83 7.89
N ILE A 136 5.81 -16.99 6.88
CA ILE A 136 6.50 -15.83 6.32
C ILE A 136 5.52 -14.82 5.76
N PHE A 137 4.53 -15.29 5.00
CA PHE A 137 3.63 -14.32 4.43
C PHE A 137 2.67 -13.68 5.39
N LYS A 138 2.36 -14.39 6.49
CA LYS A 138 1.53 -13.78 7.51
C LYS A 138 2.38 -12.66 8.17
N ILE A 139 3.65 -12.93 8.41
CA ILE A 139 4.52 -11.94 9.04
C ILE A 139 4.72 -10.74 8.11
N ARG A 140 4.86 -11.00 6.81
CA ARG A 140 4.99 -9.88 5.87
C ARG A 140 3.79 -8.95 6.00
N SER A 141 2.58 -9.51 5.96
CA SER A 141 1.39 -8.69 6.11
C SER A 141 1.42 -7.95 7.46
N SER A 142 1.86 -8.61 8.53
CA SER A 142 1.95 -7.92 9.82
C SER A 142 2.91 -6.73 9.83
N VAL A 143 4.08 -6.91 9.21
CA VAL A 143 5.08 -5.85 9.14
C VAL A 143 4.51 -4.64 8.39
N PHE A 144 3.81 -4.89 7.28
CA PHE A 144 3.25 -3.76 6.53
C PHE A 144 2.25 -3.01 7.41
N LYS A 145 1.40 -3.76 8.11
CA LYS A 145 0.39 -3.09 8.95
C LYS A 145 1.07 -2.28 10.07
N ALA A 146 2.05 -2.88 10.75
CA ALA A 146 2.73 -2.18 11.85
C ALA A 146 3.38 -0.87 11.38
N VAL A 147 4.07 -0.94 10.25
CA VAL A 147 4.72 0.24 9.68
C VAL A 147 3.71 1.32 9.40
N ARG A 148 2.60 0.98 8.73
CA ARG A 148 1.59 2.01 8.46
C ARG A 148 0.97 2.59 9.72
N ASP A 149 0.72 1.73 10.71
CA ASP A 149 0.14 2.18 11.98
C ASP A 149 1.08 3.18 12.67
N PHE A 150 2.38 2.88 12.63
CA PHE A 150 3.34 3.76 13.26
C PHE A 150 3.36 5.11 12.54
N PHE A 151 3.35 5.08 11.21
CA PHE A 151 3.34 6.34 10.48
C PHE A 151 2.11 7.15 10.86
N HIS A 152 0.97 6.50 10.90
CA HIS A 152 -0.26 7.22 11.24
C HIS A 152 -0.23 7.81 12.64
N GLU A 153 0.27 7.04 13.60
CA GLU A 153 0.32 7.52 14.97
C GLU A 153 1.27 8.68 15.16
N ASN A 154 2.19 8.85 14.21
CA ASN A 154 3.15 9.93 14.27
C ASN A 154 2.85 11.09 13.31
N GLY A 155 1.62 11.12 12.81
CA GLY A 155 1.18 12.23 12.00
C GLY A 155 1.56 12.24 10.55
N PHE A 156 1.96 11.09 10.03
CA PHE A 156 2.30 11.03 8.62
C PHE A 156 1.08 10.76 7.78
N ILE A 157 1.05 11.36 6.59
CA ILE A 157 -0.02 11.20 5.63
C ILE A 157 0.50 10.32 4.49
N GLU A 158 -0.31 9.37 4.05
CA GLU A 158 0.13 8.48 3.00
C GLU A 158 -0.04 9.18 1.64
N ILE A 159 0.98 9.06 0.80
CA ILE A 159 0.92 9.61 -0.53
C ILE A 159 1.23 8.50 -1.52
N HIS A 160 0.99 8.79 -2.81
CA HIS A 160 1.18 7.82 -3.87
C HIS A 160 1.74 8.61 -5.03
N THR A 161 2.88 8.16 -5.55
CA THR A 161 3.56 8.86 -6.61
C THR A 161 3.80 7.95 -7.82
N PRO A 162 4.11 8.55 -9.00
CA PRO A 162 4.31 7.76 -10.22
C PRO A 162 5.38 6.72 -10.30
N LYS A 163 5.04 5.59 -10.93
CA LYS A 163 6.02 4.54 -11.16
C LYS A 163 6.44 4.60 -12.64
N ILE A 164 5.73 5.40 -13.44
CA ILE A 164 6.10 5.60 -14.86
C ILE A 164 6.66 7.03 -14.89
N ILE A 165 7.96 7.18 -15.19
CA ILE A 165 8.60 8.49 -15.19
C ILE A 165 9.31 8.82 -16.51
N ALA A 166 9.30 10.09 -16.89
CA ALA A 166 9.86 10.57 -18.14
C ALA A 166 11.34 10.36 -18.16
N THR A 167 11.89 10.67 -17.01
CA THR A 167 13.29 10.58 -16.70
C THR A 167 13.30 11.26 -15.34
N ALA A 168 14.51 11.36 -14.81
CA ALA A 168 14.81 11.92 -13.53
C ALA A 168 16.26 11.55 -13.68
N THR A 169 16.45 10.30 -14.09
CA THR A 169 17.75 9.72 -14.34
C THR A 169 18.76 10.20 -13.29
N GLU A 170 18.36 10.17 -12.02
CA GLU A 170 19.26 10.58 -10.95
C GLU A 170 20.37 9.53 -10.88
N GLY A 171 20.48 8.77 -11.97
CA GLY A 171 21.47 7.72 -12.12
C GLY A 171 21.58 7.24 -13.56
N GLY A 172 22.43 6.25 -13.81
CA GLY A 172 22.60 5.77 -15.17
C GLY A 172 21.96 4.45 -15.52
N THR A 173 22.59 3.37 -15.08
CA THR A 173 22.10 2.02 -15.37
C THR A 173 21.07 1.57 -14.31
N GLU A 174 20.69 0.31 -14.42
CA GLU A 174 19.75 -0.32 -13.52
C GLU A 174 18.32 0.17 -13.66
N LEU A 175 18.03 0.81 -14.78
CA LEU A 175 16.69 1.31 -15.03
C LEU A 175 15.99 0.46 -16.08
N PHE A 176 14.68 0.30 -15.93
CA PHE A 176 13.93 -0.42 -16.93
C PHE A 176 13.33 0.61 -17.86
N PRO A 177 13.90 0.74 -19.07
CA PRO A 177 13.33 1.72 -20.00
C PRO A 177 11.98 1.21 -20.48
N MET A 178 11.07 2.12 -20.78
CA MET A 178 9.78 1.71 -21.28
C MET A 178 9.22 2.82 -22.15
N LYS A 179 8.51 2.42 -23.18
CA LYS A 179 7.90 3.38 -24.08
C LYS A 179 6.56 3.80 -23.45
N TYR A 180 6.25 5.10 -23.45
CA TYR A 180 4.97 5.64 -22.94
C TYR A 180 4.39 6.31 -24.18
N PHE A 181 3.62 5.56 -24.95
CA PHE A 181 3.08 6.01 -26.21
C PHE A 181 4.29 6.46 -27.05
N GLU A 182 4.32 7.70 -27.52
CA GLU A 182 5.46 8.12 -28.33
C GLU A 182 6.73 8.41 -27.51
N GLU A 183 6.58 8.67 -26.21
CA GLU A 183 7.74 9.03 -25.38
C GLU A 183 8.54 7.88 -24.80
N ASP A 184 9.77 8.22 -24.41
CA ASP A 184 10.69 7.30 -23.77
C ASP A 184 10.43 7.54 -22.30
N ALA A 185 10.26 6.47 -21.53
CA ALA A 185 10.03 6.62 -20.11
C ALA A 185 10.76 5.48 -19.40
N PHE A 186 10.67 5.45 -18.08
CA PHE A 186 11.31 4.39 -17.30
C PHE A 186 10.41 4.00 -16.13
N LEU A 187 10.68 2.84 -15.54
CA LEU A 187 9.93 2.43 -14.34
C LEU A 187 10.72 3.08 -13.20
N ALA A 188 10.01 3.65 -12.22
CA ALA A 188 10.66 4.32 -11.09
C ALA A 188 11.45 3.37 -10.20
N GLU A 189 12.63 3.80 -9.74
CA GLU A 189 13.45 3.00 -8.85
C GLU A 189 13.22 3.47 -7.43
N SER A 190 12.62 4.65 -7.30
CA SER A 190 12.40 5.28 -6.00
C SER A 190 11.49 6.49 -6.16
N PRO A 191 10.65 6.78 -5.15
CA PRO A 191 9.77 7.94 -5.25
C PRO A 191 10.52 9.21 -4.77
N GLN A 192 11.84 9.10 -4.59
CA GLN A 192 12.67 10.21 -4.08
C GLN A 192 12.33 11.63 -4.55
N LEU A 193 12.34 11.85 -5.84
CA LEU A 193 12.08 13.19 -6.35
C LEU A 193 10.70 13.70 -5.98
N TYR A 194 9.71 12.80 -6.02
CA TYR A 194 8.35 13.21 -5.69
C TYR A 194 8.10 13.49 -4.22
N LYS A 195 8.60 12.63 -3.34
CA LYS A 195 8.36 12.87 -1.92
C LYS A 195 9.05 14.15 -1.50
N GLU A 196 10.16 14.51 -2.16
CA GLU A 196 10.83 15.79 -1.88
C GLU A 196 9.99 16.98 -2.41
N ILE A 197 9.45 16.84 -3.63
CA ILE A 197 8.62 17.90 -4.17
C ILE A 197 7.48 18.17 -3.18
N MET A 198 6.96 17.12 -2.54
CA MET A 198 5.86 17.31 -1.61
C MET A 198 6.26 17.97 -0.30
N MET A 199 7.57 18.05 -0.01
CA MET A 199 7.98 18.74 1.22
C MET A 199 7.75 20.26 1.07
N ALA A 200 7.51 20.71 -0.15
CA ALA A 200 7.22 22.13 -0.38
C ALA A 200 5.70 22.37 -0.40
N SER A 201 4.91 21.31 -0.16
CA SER A 201 3.44 21.42 -0.22
C SER A 201 2.74 21.71 1.09
N GLY A 202 3.41 21.50 2.22
CA GLY A 202 2.74 21.67 3.50
C GLY A 202 2.42 20.30 4.12
N LEU A 203 2.41 19.25 3.30
CA LEU A 203 2.12 17.90 3.83
C LEU A 203 3.09 17.57 4.98
N ASP A 204 4.33 18.04 4.84
CA ASP A 204 5.41 17.87 5.85
C ASP A 204 5.90 16.49 6.23
N ARG A 205 4.97 15.56 6.43
CA ARG A 205 5.29 14.20 6.92
C ARG A 205 4.54 13.22 6.05
N VAL A 206 5.24 12.61 5.12
CA VAL A 206 4.58 11.72 4.19
C VAL A 206 5.24 10.35 4.17
N TYR A 207 4.49 9.33 3.76
CA TYR A 207 5.07 8.02 3.58
C TYR A 207 4.38 7.41 2.40
N GLU A 208 5.06 6.47 1.76
CA GLU A 208 4.48 5.78 0.59
C GLU A 208 4.99 4.36 0.67
N ILE A 209 4.12 3.41 0.42
CA ILE A 209 4.55 2.00 0.42
C ILE A 209 4.15 1.50 -0.95
N ALA A 210 5.14 1.25 -1.78
CA ALA A 210 4.81 0.92 -3.15
C ALA A 210 5.94 0.20 -3.85
N PRO A 211 5.64 -0.37 -5.02
CA PRO A 211 6.68 -1.09 -5.77
C PRO A 211 7.77 -0.16 -6.28
N ILE A 212 8.98 -0.70 -6.44
CA ILE A 212 10.08 0.03 -7.04
C ILE A 212 10.65 -0.99 -8.02
N PHE A 213 11.31 -0.52 -9.05
CA PHE A 213 11.81 -1.40 -10.08
C PHE A 213 13.26 -1.07 -10.43
N ARG A 214 14.12 -2.08 -10.43
CA ARG A 214 15.52 -1.84 -10.73
C ARG A 214 16.06 -3.00 -11.55
N ALA A 215 16.71 -2.71 -12.66
CA ALA A 215 17.24 -3.77 -13.49
C ALA A 215 18.64 -4.04 -12.97
N GLU A 216 18.71 -4.85 -11.91
CA GLU A 216 19.98 -5.15 -11.27
C GLU A 216 20.89 -5.90 -12.22
N GLU A 217 22.15 -5.50 -12.21
CA GLU A 217 23.16 -6.09 -13.07
C GLU A 217 23.46 -7.52 -12.63
N HIS A 218 23.58 -7.72 -11.33
CA HIS A 218 23.90 -9.04 -10.78
C HIS A 218 22.82 -9.68 -9.94
N ASN A 219 22.74 -11.00 -10.06
CA ASN A 219 21.78 -11.81 -9.34
C ASN A 219 22.35 -12.17 -7.95
N THR A 220 21.71 -11.69 -6.88
CA THR A 220 22.18 -11.97 -5.53
C THR A 220 21.06 -12.49 -4.63
N THR A 221 21.42 -12.93 -3.43
CA THR A 221 20.42 -13.42 -2.48
C THR A 221 19.77 -12.23 -1.76
N ARG A 222 20.22 -11.01 -2.04
CA ARG A 222 19.66 -9.86 -1.35
C ARG A 222 19.01 -8.80 -2.24
N HIS A 223 18.97 -9.03 -3.55
CA HIS A 223 18.34 -8.07 -4.47
C HIS A 223 17.27 -8.71 -5.35
N LEU A 224 16.26 -7.93 -5.72
CA LEU A 224 15.21 -8.37 -6.65
C LEU A 224 15.10 -7.26 -7.68
N ASN A 225 14.47 -7.53 -8.82
CA ASN A 225 14.31 -6.49 -9.81
C ASN A 225 12.99 -5.73 -9.60
N GLU A 226 12.16 -6.25 -8.69
CA GLU A 226 10.90 -5.61 -8.33
C GLU A 226 10.83 -5.76 -6.82
N ALA A 227 10.57 -4.68 -6.11
CA ALA A 227 10.50 -4.79 -4.65
C ALA A 227 9.50 -3.80 -4.14
N TRP A 228 9.24 -3.85 -2.84
CA TRP A 228 8.32 -2.90 -2.22
C TRP A 228 9.15 -2.01 -1.29
N SER A 229 9.06 -0.71 -1.51
CA SER A 229 9.82 0.23 -0.70
C SER A 229 8.90 1.03 0.21
N ILE A 230 9.33 1.16 1.46
CA ILE A 230 8.63 1.95 2.48
C ILE A 230 9.42 3.25 2.49
N ASP A 231 8.82 4.30 1.93
CA ASP A 231 9.47 5.60 1.81
C ASP A 231 8.81 6.63 2.70
N SER A 232 9.63 7.55 3.19
CA SER A 232 9.12 8.62 4.01
C SER A 232 10.00 9.82 3.83
N GLU A 233 9.42 11.00 4.07
CA GLU A 233 10.18 12.22 3.97
C GLU A 233 9.47 13.11 4.99
N MET A 234 10.25 13.87 5.75
CA MET A 234 9.69 14.70 6.80
C MET A 234 10.38 16.06 6.81
N ALA A 235 9.58 17.11 6.98
CA ALA A 235 10.07 18.48 6.95
C ALA A 235 10.27 19.12 8.32
N PHE A 236 10.97 20.26 8.29
CA PHE A 236 11.29 21.02 9.47
C PHE A 236 12.24 20.33 10.46
N ILE A 237 13.06 19.42 9.96
CA ILE A 237 14.06 18.75 10.81
C ILE A 237 15.29 19.65 10.90
N GLU A 238 16.09 19.47 11.94
CA GLU A 238 17.30 20.28 12.11
C GLU A 238 18.58 19.51 11.72
N ASP A 239 18.48 18.18 11.60
CA ASP A 239 19.61 17.34 11.20
C ASP A 239 19.17 15.91 10.88
N GLU A 240 20.05 15.10 10.32
CA GLU A 240 19.65 13.75 9.92
C GLU A 240 19.40 12.82 11.10
N GLU A 241 19.88 13.20 12.28
CA GLU A 241 19.64 12.36 13.44
C GLU A 241 18.15 12.29 13.76
N GLU A 242 17.39 13.34 13.44
CA GLU A 242 15.95 13.31 13.71
C GLU A 242 15.28 12.26 12.80
N VAL A 243 15.84 12.06 11.61
CA VAL A 243 15.28 11.07 10.68
C VAL A 243 15.69 9.65 11.17
N MET A 244 16.95 9.50 11.59
CA MET A 244 17.40 8.20 12.09
C MET A 244 16.60 7.83 13.34
N SER A 245 16.34 8.79 14.22
CA SER A 245 15.56 8.51 15.42
C SER A 245 14.17 7.98 15.07
N PHE A 246 13.55 8.59 14.06
CA PHE A 246 12.21 8.18 13.65
C PHE A 246 12.26 6.79 13.04
N LEU A 247 13.22 6.60 12.15
CA LEU A 247 13.39 5.31 11.49
C LEU A 247 13.63 4.18 12.48
N GLU A 248 14.53 4.36 13.46
CA GLU A 248 14.73 3.23 14.39
C GLU A 248 13.46 2.95 15.17
N ARG A 249 12.71 3.98 15.54
CA ARG A 249 11.46 3.72 16.26
C ARG A 249 10.46 2.96 15.38
N LEU A 250 10.43 3.28 14.10
CA LEU A 250 9.52 2.63 13.13
C LEU A 250 9.87 1.15 13.04
N VAL A 251 11.16 0.87 12.86
CA VAL A 251 11.61 -0.52 12.73
C VAL A 251 11.40 -1.29 14.05
N ALA A 252 11.71 -0.66 15.18
CA ALA A 252 11.47 -1.30 16.48
C ALA A 252 9.97 -1.63 16.61
N HIS A 253 9.13 -0.71 16.17
CA HIS A 253 7.70 -0.95 16.29
C HIS A 253 7.29 -2.16 15.46
N ALA A 254 7.84 -2.28 14.25
CA ALA A 254 7.51 -3.40 13.37
C ALA A 254 7.98 -4.71 14.00
N ILE A 255 9.20 -4.72 14.52
CA ILE A 255 9.73 -5.92 15.15
C ILE A 255 8.85 -6.34 16.34
N ASN A 256 8.53 -5.40 17.20
CA ASN A 256 7.72 -5.70 18.39
C ASN A 256 6.32 -6.14 18.02
N TYR A 257 5.80 -5.63 16.90
CA TYR A 257 4.46 -6.05 16.49
C TYR A 257 4.56 -7.52 16.12
N VAL A 258 5.61 -7.91 15.40
CA VAL A 258 5.75 -9.31 15.01
C VAL A 258 5.92 -10.22 16.26
N ARG A 259 6.74 -9.79 17.20
CA ARG A 259 6.98 -10.57 18.41
C ARG A 259 5.67 -10.77 19.19
N GLU A 260 4.86 -9.74 19.19
CA GLU A 260 3.61 -9.77 19.94
C GLU A 260 2.42 -10.43 19.25
N HIS A 261 2.32 -10.28 17.94
CA HIS A 261 1.17 -10.83 17.24
C HIS A 261 1.44 -12.07 16.39
N ASN A 262 2.70 -12.40 16.18
CA ASN A 262 3.05 -13.57 15.36
C ASN A 262 3.95 -14.56 16.09
N ALA A 263 3.76 -14.64 17.40
CA ALA A 263 4.54 -15.56 18.22
C ALA A 263 4.39 -16.98 17.66
N LYS A 264 3.17 -17.34 17.27
CA LYS A 264 2.93 -18.67 16.71
C LYS A 264 3.76 -18.93 15.43
N GLU A 265 3.85 -17.92 14.57
CA GLU A 265 4.63 -18.04 13.34
C GLU A 265 6.12 -18.12 13.62
N LEU A 266 6.59 -17.32 14.58
CA LEU A 266 7.99 -17.32 14.96
C LEU A 266 8.33 -18.72 15.49
N ASP A 267 7.42 -19.30 16.28
CA ASP A 267 7.66 -20.67 16.76
C ASP A 267 7.74 -21.70 15.62
N ILE A 268 6.81 -21.62 14.67
CA ILE A 268 6.80 -22.54 13.51
C ILE A 268 8.15 -22.40 12.81
N LEU A 269 8.68 -21.18 12.79
CA LEU A 269 9.95 -20.93 12.12
C LEU A 269 11.15 -21.22 13.03
N ASN A 270 10.87 -21.70 14.23
CA ASN A 270 11.92 -22.01 15.22
C ASN A 270 12.87 -20.83 15.33
N PHE A 271 12.32 -19.64 15.39
CA PHE A 271 13.13 -18.44 15.42
C PHE A 271 12.83 -17.59 16.63
N GLU A 272 13.86 -17.08 17.29
CA GLU A 272 13.69 -16.21 18.44
C GLU A 272 13.97 -14.78 17.93
N LEU A 273 12.95 -13.93 17.88
CA LEU A 273 13.11 -12.55 17.39
C LEU A 273 13.34 -11.66 18.59
N GLU A 274 14.50 -11.03 18.63
CA GLU A 274 14.91 -10.20 19.77
C GLU A 274 14.12 -8.93 20.01
N GLU A 275 14.04 -8.55 21.28
CA GLU A 275 13.39 -7.30 21.64
C GLU A 275 14.35 -6.19 21.23
N PRO A 276 13.85 -5.18 20.48
CA PRO A 276 14.67 -4.06 20.05
C PRO A 276 15.18 -3.25 21.25
N LYS A 277 16.42 -2.79 21.16
CA LYS A 277 17.01 -1.95 22.21
C LYS A 277 17.36 -0.60 21.59
N LEU A 278 16.62 0.42 21.97
CA LEU A 278 16.84 1.75 21.43
C LEU A 278 17.62 2.61 22.42
N PRO A 279 18.46 3.53 21.90
CA PRO A 279 18.71 3.77 20.48
C PRO A 279 19.69 2.75 19.93
N PHE A 280 19.62 2.51 18.63
CA PHE A 280 20.58 1.60 18.00
C PHE A 280 21.91 2.32 17.97
N PRO A 281 23.03 1.58 17.91
CA PRO A 281 24.34 2.22 17.85
C PRO A 281 24.47 3.03 16.55
N ARG A 282 25.16 4.18 16.64
CA ARG A 282 25.42 5.04 15.48
C ARG A 282 26.93 4.88 15.23
N VAL A 283 27.35 4.41 14.04
CA VAL A 283 28.77 4.25 13.76
C VAL A 283 29.11 5.09 12.54
N SER A 284 30.02 6.05 12.69
CA SER A 284 30.39 6.86 11.52
C SER A 284 31.17 6.03 10.51
N TYR A 285 31.09 6.44 9.26
CA TYR A 285 31.83 5.75 8.22
C TYR A 285 33.34 5.67 8.58
N ASP A 286 33.89 6.76 9.10
CA ASP A 286 35.32 6.76 9.52
C ASP A 286 35.59 5.68 10.57
N LYS A 287 34.73 5.61 11.56
CA LYS A 287 34.87 4.61 12.62
C LYS A 287 34.71 3.20 12.06
N ALA A 288 33.77 3.02 11.12
CA ALA A 288 33.58 1.70 10.52
C ALA A 288 34.84 1.27 9.79
N LEU A 289 35.47 2.20 9.08
CA LEU A 289 36.72 1.88 8.38
C LEU A 289 37.83 1.53 9.37
N GLU A 290 37.82 2.16 10.54
CA GLU A 290 38.81 1.88 11.58
C GLU A 290 38.58 0.45 12.15
N ILE A 291 37.33 0.11 12.42
CA ILE A 291 36.99 -1.20 12.94
C ILE A 291 37.40 -2.23 11.92
N LEU A 292 37.05 -1.96 10.66
CA LEU A 292 37.40 -2.89 9.60
C LEU A 292 38.92 -2.99 9.42
N GLY A 293 39.60 -1.85 9.48
CA GLY A 293 41.05 -1.88 9.33
C GLY A 293 41.71 -2.68 10.46
N ASP A 294 41.17 -2.52 11.67
CA ASP A 294 41.70 -3.23 12.84
C ASP A 294 41.56 -4.73 12.62
N LEU A 295 40.57 -5.11 11.82
CA LEU A 295 40.30 -6.50 11.48
C LEU A 295 41.01 -6.95 10.20
N GLY A 296 41.79 -6.08 9.58
CA GLY A 296 42.48 -6.48 8.37
C GLY A 296 41.70 -6.26 7.08
N LYS A 297 40.57 -5.58 7.17
CA LYS A 297 39.75 -5.32 5.99
C LYS A 297 40.00 -3.86 5.64
N GLU A 298 40.69 -3.62 4.53
CA GLU A 298 41.03 -2.26 4.12
C GLU A 298 40.06 -1.68 3.10
N ILE A 299 39.45 -0.55 3.44
CA ILE A 299 38.57 0.12 2.51
C ILE A 299 39.10 1.53 2.29
N PRO A 300 39.53 1.84 1.05
CA PRO A 300 40.06 3.18 0.75
C PRO A 300 38.98 4.21 1.04
N TRP A 301 39.33 5.22 1.83
CA TRP A 301 38.37 6.25 2.21
C TRP A 301 37.70 6.81 0.97
N GLY A 302 36.37 6.90 0.99
CA GLY A 302 35.66 7.42 -0.16
C GLY A 302 34.90 6.31 -0.89
N GLU A 303 35.36 5.08 -0.76
CA GLU A 303 34.67 3.96 -1.39
C GLU A 303 33.59 3.45 -0.45
N ASP A 304 32.55 2.82 -0.99
CA ASP A 304 31.50 2.30 -0.12
C ASP A 304 32.02 1.04 0.56
N ILE A 305 31.39 0.69 1.67
CA ILE A 305 31.75 -0.50 2.40
C ILE A 305 31.14 -1.63 1.58
N ASP A 306 31.94 -2.63 1.21
CA ASP A 306 31.40 -3.73 0.41
C ASP A 306 30.63 -4.76 1.25
N THR A 307 30.12 -5.79 0.59
CA THR A 307 29.35 -6.82 1.28
C THR A 307 30.08 -7.50 2.42
N GLU A 308 31.36 -7.82 2.22
CA GLU A 308 32.15 -8.45 3.29
C GLU A 308 32.36 -7.44 4.42
N GLY A 309 32.65 -6.19 4.06
CA GLY A 309 32.82 -5.17 5.08
C GLY A 309 31.56 -5.10 5.93
N GLU A 310 30.39 -5.11 5.27
CA GLU A 310 29.12 -5.09 6.02
C GLU A 310 28.97 -6.31 6.91
N ARG A 311 29.36 -7.47 6.40
CA ARG A 311 29.22 -8.68 7.19
C ARG A 311 30.10 -8.60 8.43
N LEU A 312 31.35 -8.20 8.24
CA LEU A 312 32.29 -8.08 9.37
C LEU A 312 31.80 -7.08 10.37
N LEU A 313 31.29 -5.95 9.88
CA LEU A 313 30.78 -4.96 10.82
C LEU A 313 29.58 -5.47 11.58
N GLY A 314 28.67 -6.16 10.89
CA GLY A 314 27.49 -6.67 11.57
C GLY A 314 27.86 -7.63 12.70
N LYS A 315 28.84 -8.48 12.42
CA LYS A 315 29.32 -9.46 13.39
C LYS A 315 29.96 -8.69 14.55
N TYR A 316 30.82 -7.72 14.21
CA TYR A 316 31.45 -6.91 15.26
C TYR A 316 30.37 -6.23 16.12
N MET A 317 29.34 -5.67 15.50
CA MET A 317 28.32 -4.98 16.32
C MET A 317 27.57 -5.93 17.26
N MET A 318 27.40 -7.18 16.86
CA MET A 318 26.76 -8.16 17.75
C MET A 318 27.73 -8.45 18.91
N GLU A 319 28.98 -8.79 18.58
CA GLU A 319 29.98 -9.09 19.62
C GLU A 319 30.20 -7.96 20.60
N ASN A 320 30.40 -6.75 20.10
CA ASN A 320 30.67 -5.60 20.95
C ASN A 320 29.48 -5.03 21.70
N GLU A 321 28.33 -4.94 21.04
CA GLU A 321 27.16 -4.35 21.71
C GLU A 321 25.83 -5.10 21.65
N ASN A 322 25.86 -6.34 21.22
CA ASN A 322 24.64 -7.15 21.14
C ASN A 322 23.62 -6.33 20.35
N ALA A 323 24.09 -5.75 19.26
CA ALA A 323 23.24 -4.92 18.40
C ALA A 323 23.01 -5.50 17.02
N PRO A 324 21.86 -6.17 16.80
CA PRO A 324 21.61 -6.73 15.48
C PRO A 324 21.30 -5.60 14.46
N LEU A 325 20.96 -4.41 14.99
CA LEU A 325 20.63 -3.24 14.18
C LEU A 325 21.50 -2.04 14.52
N TYR A 326 22.05 -1.38 13.51
CA TYR A 326 22.85 -0.20 13.82
C TYR A 326 22.97 0.67 12.58
N PHE A 327 23.31 1.93 12.79
CA PHE A 327 23.47 2.87 11.71
C PHE A 327 24.91 3.14 11.33
N LEU A 328 25.12 3.34 10.03
CA LEU A 328 26.40 3.78 9.47
C LEU A 328 26.03 5.19 9.03
N TYR A 329 26.81 6.20 9.37
CA TYR A 329 26.44 7.56 8.94
C TYR A 329 27.67 8.43 8.68
N GLN A 330 27.46 9.69 8.31
CA GLN A 330 28.55 10.59 7.98
C GLN A 330 29.44 9.96 6.89
N TYR A 331 28.77 9.48 5.85
CA TYR A 331 29.40 8.88 4.68
C TYR A 331 30.11 9.97 3.89
N PRO A 332 31.04 9.58 2.98
CA PRO A 332 31.73 10.56 2.16
C PRO A 332 30.65 11.09 1.20
N SER A 333 30.66 12.39 0.94
CA SER A 333 29.69 12.99 0.02
C SER A 333 29.80 12.43 -1.40
N GLU A 334 31.01 12.10 -1.82
CA GLU A 334 31.20 11.54 -3.16
C GLU A 334 30.51 10.17 -3.30
N ALA A 335 30.27 9.51 -2.17
CA ALA A 335 29.65 8.18 -2.16
C ALA A 335 28.12 8.15 -2.12
N LYS A 336 27.50 9.32 -2.01
CA LYS A 336 26.03 9.41 -1.88
C LYS A 336 25.44 10.35 -2.93
N PRO A 337 24.09 10.32 -3.12
CA PRO A 337 23.39 11.15 -4.12
C PRO A 337 23.50 12.67 -4.04
N PHE A 338 23.24 13.33 -5.18
CA PHE A 338 23.34 14.79 -5.23
C PHE A 338 22.34 15.47 -4.30
N TYR A 339 21.30 14.75 -3.91
CA TYR A 339 20.28 15.39 -3.06
C TYR A 339 20.55 15.31 -1.58
N ILE A 340 21.72 14.78 -1.20
CA ILE A 340 22.04 14.72 0.21
C ILE A 340 22.78 16.01 0.59
N MET A 341 22.47 16.54 1.76
CA MET A 341 23.13 17.74 2.25
C MET A 341 24.52 17.35 2.81
N LYS A 342 25.53 18.14 2.46
CA LYS A 342 26.88 17.91 2.97
C LYS A 342 27.01 18.62 4.32
N TYR A 343 28.01 18.25 5.11
CA TYR A 343 28.28 18.97 6.35
C TYR A 343 28.92 20.26 5.83
N ASP A 344 28.28 21.38 6.09
CA ASP A 344 28.83 22.64 5.59
C ASP A 344 30.24 22.86 6.11
N ASN A 345 30.50 22.41 7.32
CA ASN A 345 31.82 22.57 7.95
C ASN A 345 32.86 21.52 7.61
N LYS A 346 32.44 20.46 6.90
CA LYS A 346 33.36 19.39 6.50
C LYS A 346 32.65 18.73 5.30
N PRO A 347 32.63 19.44 4.16
CA PRO A 347 32.01 19.10 2.88
C PRO A 347 32.28 17.73 2.31
N GLU A 348 33.41 17.12 2.67
CA GLU A 348 33.72 15.80 2.12
C GLU A 348 32.85 14.71 2.75
N ILE A 349 32.12 15.07 3.82
CA ILE A 349 31.22 14.18 4.54
C ILE A 349 29.79 14.72 4.40
N CYS A 350 28.82 13.82 4.37
CA CYS A 350 27.44 14.23 4.18
C CYS A 350 26.45 13.63 5.18
N ARG A 351 25.24 14.20 5.20
CA ARG A 351 24.21 13.78 6.15
C ARG A 351 23.38 12.59 5.69
N ALA A 352 24.05 11.54 5.20
CA ALA A 352 23.38 10.34 4.76
C ALA A 352 23.69 9.20 5.74
N PHE A 353 22.80 8.22 5.81
CA PHE A 353 23.00 7.08 6.70
C PHE A 353 22.41 5.82 6.07
N ASP A 354 22.81 4.66 6.62
CA ASP A 354 22.30 3.35 6.21
C ASP A 354 21.95 2.63 7.50
N LEU A 355 20.82 1.91 7.52
CA LEU A 355 20.46 1.12 8.70
C LEU A 355 20.81 -0.31 8.31
N GLU A 356 21.63 -0.98 9.13
CA GLU A 356 22.08 -2.35 8.88
C GLU A 356 21.34 -3.31 9.83
N TYR A 357 20.81 -4.40 9.29
CA TYR A 357 20.10 -5.36 10.13
C TYR A 357 20.78 -6.71 9.84
N ARG A 358 21.42 -7.28 10.86
CA ARG A 358 22.16 -8.54 10.71
C ARG A 358 23.18 -8.44 9.60
N GLY A 359 23.87 -7.30 9.58
CA GLY A 359 24.93 -7.07 8.61
C GLY A 359 24.53 -6.80 7.18
N VAL A 360 23.25 -6.50 6.96
CA VAL A 360 22.78 -6.21 5.63
C VAL A 360 21.96 -4.91 5.63
N GLU A 361 22.24 -4.05 4.67
CA GLU A 361 21.50 -2.81 4.58
C GLU A 361 20.01 -3.06 4.38
N ILE A 362 19.18 -2.39 5.18
CA ILE A 362 17.76 -2.52 5.01
C ILE A 362 17.17 -1.14 4.63
N SER A 363 17.93 -0.08 4.88
CA SER A 363 17.43 1.25 4.56
C SER A 363 18.56 2.27 4.39
N SER A 364 18.30 3.32 3.59
CA SER A 364 19.21 4.44 3.36
C SER A 364 18.38 5.69 3.45
N GLY A 365 18.99 6.77 3.91
CA GLY A 365 18.28 8.04 4.04
C GLY A 365 19.26 9.15 4.37
N GLY A 366 18.71 10.31 4.72
CA GLY A 366 19.56 11.41 5.08
C GLY A 366 18.79 12.71 5.03
N GLN A 367 19.43 13.79 5.46
CA GLN A 367 18.83 15.09 5.35
C GLN A 367 19.16 15.54 3.94
N ARG A 368 18.18 16.14 3.25
CA ARG A 368 18.44 16.57 1.88
C ARG A 368 18.96 18.00 1.81
N GLU A 369 19.47 18.34 0.63
CA GLU A 369 19.96 19.68 0.37
C GLU A 369 18.74 20.43 -0.15
N HIS A 370 18.12 21.23 0.72
CA HIS A 370 16.92 21.98 0.34
C HIS A 370 17.21 23.37 -0.21
N ARG A 371 18.47 23.79 -0.20
CA ARG A 371 18.83 25.12 -0.71
C ARG A 371 19.07 25.00 -2.20
N HIS A 372 18.19 25.60 -2.97
CA HIS A 372 18.22 25.50 -4.42
C HIS A 372 19.54 25.61 -5.15
N ASP A 373 20.26 26.71 -4.94
CA ASP A 373 21.51 26.90 -5.64
C ASP A 373 22.57 25.87 -5.33
N ILE A 374 22.67 25.48 -4.07
CA ILE A 374 23.64 24.45 -3.71
C ILE A 374 23.25 23.13 -4.33
N LEU A 375 21.95 22.81 -4.27
CA LEU A 375 21.44 21.58 -4.90
C LEU A 375 21.83 21.51 -6.39
N VAL A 376 21.64 22.61 -7.11
CA VAL A 376 21.99 22.66 -8.54
C VAL A 376 23.48 22.35 -8.74
N GLU A 377 24.33 22.91 -7.88
CA GLU A 377 25.77 22.63 -8.02
C GLU A 377 26.10 21.17 -7.74
N GLN A 378 25.35 20.53 -6.86
CA GLN A 378 25.61 19.12 -6.57
C GLN A 378 25.15 18.25 -7.72
N ILE A 379 24.09 18.67 -8.41
CA ILE A 379 23.62 17.92 -9.56
C ILE A 379 24.78 17.96 -10.57
N LYS A 380 25.35 19.15 -10.76
CA LYS A 380 26.49 19.28 -11.68
C LYS A 380 27.67 18.40 -11.25
N GLU A 381 28.02 18.45 -9.96
CA GLU A 381 29.15 17.66 -9.46
C GLU A 381 28.99 16.17 -9.71
N LYS A 382 27.73 15.71 -9.80
CA LYS A 382 27.50 14.30 -10.09
C LYS A 382 27.49 14.01 -11.59
N GLY A 383 27.90 14.98 -12.39
CA GLY A 383 27.92 14.77 -13.83
C GLY A 383 26.52 14.75 -14.45
N LEU A 384 25.53 15.34 -13.79
CA LEU A 384 24.16 15.37 -14.30
C LEU A 384 23.79 16.76 -14.78
N ASN A 385 22.71 16.85 -15.54
CA ASN A 385 22.25 18.12 -16.08
C ASN A 385 21.05 18.68 -15.32
N PRO A 386 21.24 19.77 -14.57
CA PRO A 386 20.12 20.36 -13.82
C PRO A 386 18.87 20.59 -14.64
N GLU A 387 19.01 20.80 -15.94
CA GLU A 387 17.83 21.03 -16.76
C GLU A 387 16.96 19.79 -16.88
N SER A 388 17.51 18.63 -16.57
CA SER A 388 16.72 17.42 -16.63
C SER A 388 15.84 17.32 -15.40
N PHE A 389 16.06 18.22 -14.42
CA PHE A 389 15.28 18.19 -13.17
C PHE A 389 14.40 19.40 -12.92
N GLU A 390 14.01 20.10 -13.98
CA GLU A 390 13.20 21.30 -13.78
C GLU A 390 11.94 21.16 -12.92
N PHE A 391 11.11 20.13 -13.12
CA PHE A 391 9.91 20.02 -12.28
C PHE A 391 10.25 19.83 -10.81
N TYR A 392 11.33 19.11 -10.56
CA TYR A 392 11.80 18.88 -9.20
C TYR A 392 12.44 20.16 -8.60
N LEU A 393 13.38 20.77 -9.33
CA LEU A 393 14.05 21.97 -8.84
C LEU A 393 13.08 23.10 -8.58
N LYS A 394 12.01 23.16 -9.38
CA LYS A 394 11.02 24.20 -9.21
C LYS A 394 10.46 24.24 -7.78
N ALA A 395 10.27 23.06 -7.17
CA ALA A 395 9.74 22.98 -5.82
C ALA A 395 10.63 23.58 -4.74
N PHE A 396 11.89 23.85 -5.06
CA PHE A 396 12.80 24.41 -4.08
C PHE A 396 12.90 25.95 -4.18
N ARG A 397 12.10 26.55 -5.05
CA ARG A 397 12.22 28.00 -5.22
C ARG A 397 11.15 28.86 -4.55
N TYR A 398 10.11 28.23 -4.02
CA TYR A 398 9.00 29.02 -3.48
C TYR A 398 8.66 28.72 -2.04
N GLY A 399 9.70 28.59 -1.24
CA GLY A 399 9.51 28.29 0.17
C GLY A 399 9.57 26.79 0.39
N MET A 400 10.79 26.30 0.60
CA MET A 400 11.03 24.89 0.84
C MET A 400 11.72 24.73 2.20
N PRO A 401 11.09 24.02 3.14
CA PRO A 401 11.71 23.83 4.45
C PRO A 401 12.80 22.78 4.39
N PRO A 402 13.66 22.71 5.43
CA PRO A 402 14.69 21.68 5.42
C PRO A 402 13.91 20.37 5.57
N HIS A 403 14.42 19.28 5.01
CA HIS A 403 13.73 18.01 5.11
C HIS A 403 14.70 16.83 4.93
N GLY A 404 14.23 15.64 5.27
CA GLY A 404 15.04 14.45 5.16
C GLY A 404 14.11 13.23 5.14
N GLY A 405 14.66 12.06 4.83
CA GLY A 405 13.80 10.90 4.74
C GLY A 405 14.63 9.64 4.53
N PHE A 406 13.95 8.57 4.15
CA PHE A 406 14.62 7.30 3.94
C PHE A 406 13.80 6.39 3.06
N GLY A 407 14.48 5.39 2.51
CA GLY A 407 13.83 4.36 1.74
C GLY A 407 14.16 3.08 2.53
N LEU A 408 13.13 2.36 2.99
CA LEU A 408 13.28 1.12 3.77
C LEU A 408 12.70 -0.04 2.94
N GLY A 409 13.55 -1.00 2.54
CA GLY A 409 13.10 -2.11 1.72
C GLY A 409 12.24 -3.08 2.54
N ALA A 410 11.01 -3.31 2.10
CA ALA A 410 10.11 -4.19 2.82
C ALA A 410 10.67 -5.62 2.81
N GLU A 411 11.07 -6.08 1.65
CA GLU A 411 11.65 -7.44 1.57
C GLU A 411 12.93 -7.50 2.37
N ARG A 412 13.75 -6.45 2.29
CA ARG A 412 14.99 -6.45 3.05
C ARG A 412 14.71 -6.55 4.54
N LEU A 413 13.75 -5.76 5.01
CA LEU A 413 13.39 -5.76 6.42
C LEU A 413 12.94 -7.13 6.89
N ILE A 414 12.04 -7.74 6.13
CA ILE A 414 11.50 -9.03 6.51
C ILE A 414 12.55 -10.15 6.42
N LYS A 415 13.32 -10.15 5.34
CA LYS A 415 14.36 -11.16 5.16
C LYS A 415 15.34 -11.09 6.35
N GLN A 416 15.80 -9.86 6.68
CA GLN A 416 16.74 -9.72 7.75
C GLN A 416 16.14 -9.99 9.11
N MET A 417 14.92 -9.52 9.34
CA MET A 417 14.24 -9.75 10.61
C MET A 417 14.20 -11.24 10.95
N LEU A 418 13.85 -12.06 9.96
CA LEU A 418 13.73 -13.50 10.16
C LEU A 418 15.01 -14.29 9.85
N ASP A 419 16.09 -13.55 9.58
CA ASP A 419 17.40 -14.10 9.27
C ASP A 419 17.32 -15.17 8.18
N LEU A 420 16.60 -14.86 7.12
CA LEU A 420 16.42 -15.78 6.00
C LEU A 420 17.57 -15.61 5.02
N PRO A 421 18.11 -16.72 4.49
CA PRO A 421 19.21 -16.70 3.55
C PRO A 421 18.93 -16.08 2.19
N ASN A 422 17.68 -16.10 1.74
CA ASN A 422 17.37 -15.58 0.42
C ASN A 422 16.13 -14.68 0.40
N ILE A 423 16.29 -13.52 -0.21
CA ILE A 423 15.22 -12.54 -0.28
C ILE A 423 14.00 -13.08 -1.06
N ARG A 424 14.21 -14.07 -1.91
CA ARG A 424 13.09 -14.65 -2.67
C ARG A 424 12.09 -15.35 -1.78
N GLU A 425 12.48 -15.66 -0.54
CA GLU A 425 11.56 -16.32 0.38
C GLU A 425 10.49 -15.34 0.89
N VAL A 426 10.73 -14.04 0.74
CA VAL A 426 9.78 -13.09 1.33
C VAL A 426 8.86 -12.30 0.41
N ILE A 427 8.78 -12.68 -0.86
CA ILE A 427 7.88 -12.03 -1.81
C ILE A 427 7.31 -13.19 -2.61
N LEU A 428 6.00 -13.16 -2.86
CA LEU A 428 5.36 -14.27 -3.53
C LEU A 428 5.88 -14.65 -4.92
N PHE A 429 6.04 -13.65 -5.80
CA PHE A 429 6.47 -13.91 -7.17
C PHE A 429 7.68 -13.04 -7.48
N PRO A 430 8.86 -13.51 -7.11
CA PRO A 430 10.11 -12.79 -7.31
C PRO A 430 10.43 -12.48 -8.76
N ARG A 431 11.14 -11.37 -8.96
CA ARG A 431 11.59 -11.00 -10.29
C ARG A 431 13.11 -10.86 -10.22
N ASP A 432 13.86 -11.67 -10.97
CA ASP A 432 15.30 -11.49 -10.96
C ASP A 432 15.83 -11.66 -12.39
N ARG A 433 17.16 -11.64 -12.55
CA ARG A 433 17.77 -11.75 -13.87
C ARG A 433 17.25 -12.89 -14.73
N ARG A 434 16.91 -14.01 -14.10
CA ARG A 434 16.44 -15.16 -14.85
C ARG A 434 15.00 -15.59 -14.58
N ARG A 435 14.27 -14.85 -13.75
CA ARG A 435 12.89 -15.22 -13.46
C ARG A 435 11.95 -14.08 -13.79
N LEU A 436 11.05 -14.34 -14.73
CA LEU A 436 10.05 -13.36 -15.19
C LEU A 436 8.62 -13.91 -15.03
N THR A 437 8.52 -15.23 -14.88
CA THR A 437 7.22 -15.92 -14.78
C THR A 437 7.36 -17.08 -13.80
N PRO A 438 6.29 -17.45 -13.10
CA PRO A 438 4.92 -16.93 -13.09
C PRO A 438 4.91 -15.42 -12.85
N MET B 1 13.50 19.68 15.70
CA MET B 1 12.37 20.03 14.85
C MET B 1 12.08 21.51 15.07
N TYR B 2 11.78 22.22 13.99
CA TYR B 2 11.47 23.65 14.09
C TYR B 2 10.11 23.97 14.66
N ARG B 3 9.26 22.96 14.86
CA ARG B 3 7.97 23.23 15.48
C ARG B 3 7.68 22.17 16.55
N THR B 4 6.86 22.55 17.53
CA THR B 4 6.45 21.64 18.59
C THR B 4 4.98 21.33 18.36
N HIS B 5 4.27 22.26 17.75
CA HIS B 5 2.83 22.09 17.52
C HIS B 5 2.36 22.62 16.19
N TYR B 6 1.39 21.93 15.60
CA TYR B 6 0.76 22.41 14.38
C TYR B 6 -0.35 23.36 14.86
N SER B 7 -0.85 24.19 13.97
CA SER B 7 -1.90 25.14 14.29
C SER B 7 -3.07 24.48 15.02
N SER B 8 -3.37 23.24 14.65
CA SER B 8 -4.49 22.50 15.22
C SER B 8 -4.21 21.82 16.55
N GLU B 9 -2.96 21.80 17.00
CA GLU B 9 -2.62 21.11 18.25
C GLU B 9 -2.42 22.02 19.45
N ILE B 10 -2.73 23.29 19.30
CA ILE B 10 -2.59 24.22 20.40
C ILE B 10 -3.97 24.40 21.03
N THR B 11 -4.10 23.93 22.25
CA THR B 11 -5.36 24.05 22.96
C THR B 11 -5.15 24.88 24.21
N GLU B 12 -6.26 25.21 24.86
CA GLU B 12 -6.26 26.02 26.05
C GLU B 12 -5.29 25.57 27.14
N GLU B 13 -5.04 24.26 27.24
CA GLU B 13 -4.13 23.75 28.25
C GLU B 13 -2.73 24.33 28.13
N LEU B 14 -2.39 24.84 26.95
CA LEU B 14 -1.07 25.40 26.70
C LEU B 14 -1.03 26.91 26.90
N ASN B 15 -2.15 27.50 27.29
CA ASN B 15 -2.20 28.94 27.51
C ASN B 15 -1.02 29.33 28.40
N GLY B 16 -0.27 30.34 27.98
CA GLY B 16 0.87 30.79 28.75
C GLY B 16 2.17 30.02 28.60
N GLN B 17 2.16 28.91 27.85
CA GLN B 17 3.37 28.10 27.66
C GLN B 17 4.15 28.43 26.38
N LYS B 18 5.43 28.07 26.35
CA LYS B 18 6.26 28.30 25.18
C LYS B 18 6.05 27.17 24.18
N VAL B 19 5.87 27.55 22.92
CA VAL B 19 5.65 26.60 21.83
C VAL B 19 6.47 27.07 20.62
N LYS B 20 6.61 26.21 19.63
CA LYS B 20 7.31 26.56 18.40
C LYS B 20 6.36 26.17 17.27
N VAL B 21 6.03 27.12 16.39
CA VAL B 21 5.15 26.81 15.26
C VAL B 21 5.99 27.10 14.02
N ALA B 22 5.62 26.55 12.88
CA ALA B 22 6.43 26.83 11.70
C ALA B 22 5.57 26.58 10.51
N GLY B 23 5.94 27.20 9.40
CA GLY B 23 5.17 27.06 8.18
C GLY B 23 5.50 28.14 7.16
N TRP B 24 4.51 28.51 6.37
CA TRP B 24 4.71 29.50 5.32
C TRP B 24 4.02 30.81 5.67
N VAL B 25 4.64 31.94 5.32
CA VAL B 25 4.05 33.25 5.62
C VAL B 25 2.80 33.43 4.79
N TRP B 26 1.67 33.61 5.47
CA TRP B 26 0.38 33.78 4.82
C TRP B 26 0.11 35.27 4.62
N GLU B 27 0.30 36.04 5.69
CA GLU B 27 0.07 37.47 5.58
C GLU B 27 0.82 38.22 6.63
N VAL B 28 1.19 39.45 6.31
CA VAL B 28 1.86 40.31 7.29
C VAL B 28 1.12 41.65 7.28
N LYS B 29 0.76 42.13 8.48
CA LYS B 29 0.13 43.44 8.60
C LYS B 29 0.98 44.25 9.59
N ASP B 30 1.58 45.32 9.11
CA ASP B 30 2.40 46.22 9.94
C ASP B 30 1.44 47.38 10.19
N LEU B 31 0.87 47.44 11.37
CA LEU B 31 -0.10 48.47 11.67
C LEU B 31 0.41 49.52 12.65
N GLY B 32 1.68 49.88 12.48
CA GLY B 32 2.28 50.89 13.33
C GLY B 32 2.80 50.36 14.64
N GLY B 33 2.10 50.67 15.72
CA GLY B 33 2.50 50.23 17.06
C GLY B 33 2.31 48.75 17.31
N ILE B 34 1.69 48.06 16.37
CA ILE B 34 1.51 46.62 16.53
C ILE B 34 1.58 46.00 15.15
N LYS B 35 2.12 44.78 15.08
CA LYS B 35 2.25 44.09 13.80
C LYS B 35 1.74 42.67 13.95
N PHE B 36 1.25 42.10 12.86
CA PHE B 36 0.74 40.73 12.88
C PHE B 36 1.40 39.92 11.78
N LEU B 37 1.67 38.65 12.08
CA LEU B 37 2.23 37.72 11.11
C LEU B 37 1.34 36.47 11.19
N TRP B 38 0.85 36.01 10.04
CA TRP B 38 0.04 34.79 10.02
C TRP B 38 0.88 33.76 9.27
N ILE B 39 1.00 32.58 9.85
CA ILE B 39 1.79 31.49 9.29
C ILE B 39 0.82 30.36 8.94
N ARG B 40 0.99 29.75 7.76
CA ARG B 40 0.09 28.67 7.35
C ARG B 40 0.81 27.34 7.42
N ASP B 41 0.15 26.33 7.99
CA ASP B 41 0.71 24.98 7.98
C ASP B 41 -0.36 24.07 7.38
N ARG B 42 -0.11 22.76 7.40
CA ARG B 42 -1.05 21.79 6.79
C ARG B 42 -2.47 21.90 7.36
N ASP B 43 -2.59 22.29 8.63
CA ASP B 43 -3.91 22.35 9.26
C ASP B 43 -4.60 23.69 9.34
N GLY B 44 -3.88 24.75 9.04
CA GLY B 44 -4.50 26.06 9.13
C GLY B 44 -3.47 27.15 9.28
N ILE B 45 -3.94 28.30 9.76
CA ILE B 45 -3.11 29.48 9.97
C ILE B 45 -3.02 29.76 11.46
N VAL B 46 -1.87 30.27 11.90
CA VAL B 46 -1.65 30.62 13.31
C VAL B 46 -1.29 32.10 13.31
N GLN B 47 -1.83 32.83 14.28
CA GLN B 47 -1.58 34.26 14.40
C GLN B 47 -0.42 34.55 15.34
N ILE B 48 0.53 35.32 14.85
CA ILE B 48 1.68 35.78 15.63
C ILE B 48 1.40 37.27 15.87
N THR B 49 1.22 37.67 17.13
CA THR B 49 0.92 39.08 17.45
C THR B 49 2.13 39.78 18.06
N ALA B 50 2.53 40.92 17.49
CA ALA B 50 3.69 41.63 18.01
C ALA B 50 3.45 43.06 18.51
N PRO B 51 2.97 43.23 19.76
CA PRO B 51 2.73 44.58 20.29
C PRO B 51 4.12 45.18 20.48
N LYS B 52 4.34 46.42 20.04
CA LYS B 52 5.67 47.00 20.15
C LYS B 52 6.33 46.93 21.51
N LYS B 53 5.56 47.20 22.56
CA LYS B 53 6.11 47.19 23.91
C LYS B 53 6.34 45.79 24.47
N LYS B 54 5.92 44.76 23.74
CA LYS B 54 6.07 43.40 24.23
C LYS B 54 7.00 42.49 23.45
N VAL B 55 7.67 43.00 22.43
CA VAL B 55 8.57 42.17 21.68
C VAL B 55 9.90 42.85 21.45
N ASP B 56 10.90 42.01 21.19
CA ASP B 56 12.25 42.46 20.90
C ASP B 56 12.19 43.39 19.68
N PRO B 57 12.85 44.56 19.78
CA PRO B 57 12.86 45.53 18.68
C PRO B 57 13.32 44.91 17.34
N GLU B 58 14.26 43.98 17.38
CA GLU B 58 14.73 43.35 16.14
C GLU B 58 13.64 42.53 15.48
N LEU B 59 12.80 41.93 16.31
CA LEU B 59 11.71 41.14 15.83
C LEU B 59 10.64 42.06 15.20
N PHE B 60 10.44 43.20 15.86
CA PHE B 60 9.46 44.20 15.41
C PHE B 60 9.87 44.74 14.02
N LYS B 61 11.17 44.89 13.77
CA LYS B 61 11.59 45.39 12.45
C LYS B 61 11.66 44.27 11.41
N LEU B 62 11.86 43.04 11.85
CA LEU B 62 11.93 41.90 10.94
C LEU B 62 10.59 41.58 10.25
N ILE B 63 9.51 41.57 11.02
CA ILE B 63 8.20 41.22 10.50
C ILE B 63 7.82 41.82 9.14
N PRO B 64 7.84 43.16 8.98
CA PRO B 64 7.48 43.74 7.68
C PRO B 64 8.38 43.34 6.49
N LYS B 65 9.51 42.73 6.80
CA LYS B 65 10.44 42.26 5.77
C LYS B 65 10.08 40.86 5.27
N LEU B 66 9.21 40.17 6.01
CA LEU B 66 8.81 38.82 5.61
C LEU B 66 7.92 38.88 4.36
N ARG B 67 8.03 37.90 3.47
CA ARG B 67 7.23 37.88 2.25
C ARG B 67 6.37 36.63 2.11
N SER B 68 5.27 36.73 1.37
CA SER B 68 4.38 35.59 1.16
C SER B 68 5.14 34.33 0.77
N GLU B 69 4.74 33.22 1.38
CA GLU B 69 5.31 31.89 1.16
C GLU B 69 6.74 31.67 1.68
N ASP B 70 7.32 32.67 2.36
CA ASP B 70 8.64 32.45 2.97
C ASP B 70 8.40 31.36 4.03
N VAL B 71 9.36 30.47 4.21
CA VAL B 71 9.22 29.46 5.24
C VAL B 71 9.88 30.00 6.49
N VAL B 72 9.12 30.02 7.59
CA VAL B 72 9.62 30.57 8.83
C VAL B 72 9.27 29.68 10.00
N ALA B 73 9.99 29.91 11.11
CA ALA B 73 9.80 29.17 12.35
C ALA B 73 9.73 30.26 13.44
N VAL B 74 8.79 30.12 14.37
CA VAL B 74 8.59 31.08 15.43
C VAL B 74 8.53 30.40 16.80
N GLU B 75 9.24 30.96 17.78
CA GLU B 75 9.14 30.39 19.12
C GLU B 75 8.48 31.50 19.95
N GLY B 76 7.43 31.16 20.68
CA GLY B 76 6.77 32.19 21.46
C GLY B 76 5.82 31.66 22.48
N VAL B 77 5.14 32.56 23.18
CA VAL B 77 4.22 32.18 24.24
C VAL B 77 2.82 32.20 23.74
N VAL B 78 2.08 31.13 24.05
CA VAL B 78 0.68 31.00 23.68
C VAL B 78 -0.19 31.92 24.53
N ASN B 79 -1.06 32.67 23.86
CA ASN B 79 -1.96 33.56 24.58
C ASN B 79 -3.37 33.37 24.04
N PHE B 80 -4.24 32.77 24.84
CA PHE B 80 -5.61 32.61 24.42
C PHE B 80 -6.32 33.95 24.64
N THR B 81 -7.01 34.43 23.62
CA THR B 81 -7.68 35.72 23.77
C THR B 81 -8.85 35.80 22.81
N PRO B 82 -9.91 36.52 23.21
CA PRO B 82 -11.08 36.66 22.33
C PRO B 82 -10.62 37.46 21.13
N LYS B 83 -9.68 38.38 21.37
CA LYS B 83 -9.14 39.24 20.32
C LYS B 83 -8.51 38.47 19.15
N ALA B 84 -8.16 37.21 19.38
CA ALA B 84 -7.58 36.38 18.32
C ALA B 84 -8.68 35.61 17.61
N LYS B 85 -8.78 35.80 16.31
CA LYS B 85 -9.81 35.16 15.50
C LYS B 85 -9.94 33.67 15.77
N LEU B 86 -8.81 32.97 15.87
CA LEU B 86 -8.83 31.52 16.11
C LEU B 86 -8.78 31.08 17.58
N GLY B 87 -8.96 32.03 18.49
CA GLY B 87 -8.96 31.69 19.90
C GLY B 87 -7.66 31.91 20.66
N PHE B 88 -6.54 32.00 19.95
CA PHE B 88 -5.25 32.21 20.60
C PHE B 88 -4.27 32.83 19.62
N GLU B 89 -3.23 33.46 20.16
CA GLU B 89 -2.19 34.07 19.35
C GLU B 89 -0.87 33.63 19.97
N ILE B 90 0.21 33.87 19.25
CA ILE B 90 1.52 33.56 19.80
C ILE B 90 2.25 34.89 19.98
N LEU B 91 2.79 35.15 21.17
CA LEU B 91 3.58 36.39 21.38
C LEU B 91 5.00 35.88 21.07
N PRO B 92 5.60 36.34 19.96
CA PRO B 92 6.94 35.86 19.58
C PRO B 92 8.14 36.30 20.38
N GLU B 93 9.06 35.36 20.58
CA GLU B 93 10.30 35.64 21.28
C GLU B 93 11.41 35.48 20.24
N LYS B 94 11.18 34.67 19.22
CA LYS B 94 12.17 34.48 18.15
C LYS B 94 11.48 34.10 16.83
N ILE B 95 11.96 34.67 15.74
CA ILE B 95 11.43 34.40 14.40
C ILE B 95 12.62 34.12 13.51
N VAL B 96 12.62 32.94 12.91
CA VAL B 96 13.71 32.50 12.05
C VAL B 96 13.20 32.28 10.65
N VAL B 97 13.87 32.89 9.67
CA VAL B 97 13.51 32.70 8.28
C VAL B 97 14.31 31.47 7.83
N LEU B 98 13.60 30.41 7.49
CA LEU B 98 14.28 29.18 7.06
C LEU B 98 14.60 29.15 5.59
N ASN B 99 13.71 29.70 4.79
CA ASN B 99 13.91 29.64 3.35
C ASN B 99 13.03 30.69 2.68
N ARG B 100 13.59 31.52 1.82
CA ARG B 100 12.79 32.57 1.17
C ARG B 100 12.20 32.16 -0.17
N ALA B 101 10.96 32.56 -0.42
CA ALA B 101 10.28 32.21 -1.67
C ALA B 101 10.58 33.23 -2.75
N GLU B 102 10.65 32.77 -3.99
CA GLU B 102 10.88 33.69 -5.10
C GLU B 102 9.51 34.21 -5.50
N THR B 103 9.49 35.18 -6.40
CA THR B 103 8.24 35.74 -6.88
C THR B 103 8.42 36.00 -8.38
N PRO B 104 7.34 35.92 -9.17
CA PRO B 104 5.95 35.60 -8.81
C PRO B 104 5.81 34.10 -8.52
N LEU B 105 4.76 33.72 -7.79
CA LEU B 105 4.55 32.30 -7.48
C LEU B 105 3.90 31.65 -8.72
N PRO B 106 4.10 30.33 -8.92
CA PRO B 106 3.54 29.60 -10.06
C PRO B 106 2.01 29.58 -10.10
N LEU B 107 1.40 29.57 -8.93
CA LEU B 107 -0.05 29.52 -8.74
C LEU B 107 -0.33 30.45 -7.56
N ASP B 108 -1.56 30.95 -7.47
CA ASP B 108 -1.94 31.84 -6.38
C ASP B 108 -2.51 31.05 -5.20
N PRO B 109 -1.72 30.88 -4.13
CA PRO B 109 -2.15 30.14 -2.94
C PRO B 109 -3.32 30.77 -2.17
N THR B 110 -3.74 31.96 -2.59
CA THR B 110 -4.87 32.61 -1.90
C THR B 110 -6.17 32.16 -2.57
N GLY B 111 -6.05 31.61 -3.77
CA GLY B 111 -7.22 31.16 -4.49
C GLY B 111 -7.93 32.25 -5.29
N LYS B 112 -7.47 33.50 -5.17
CA LYS B 112 -8.09 34.61 -5.88
C LYS B 112 -7.95 34.47 -7.39
N VAL B 113 -6.73 34.24 -7.85
CA VAL B 113 -6.51 34.05 -9.27
C VAL B 113 -6.59 32.55 -9.52
N LYS B 114 -7.60 32.13 -10.28
CA LYS B 114 -7.77 30.71 -10.57
C LYS B 114 -6.78 30.26 -11.62
N ALA B 115 -6.39 28.99 -11.56
CA ALA B 115 -5.45 28.43 -12.52
C ALA B 115 -6.10 27.21 -13.15
N GLU B 116 -5.71 26.93 -14.40
CA GLU B 116 -6.23 25.78 -15.12
C GLU B 116 -5.65 24.52 -14.50
N LEU B 117 -6.34 23.41 -14.70
CA LEU B 117 -5.88 22.14 -14.13
C LEU B 117 -4.45 21.81 -14.50
N ASP B 118 -4.09 21.94 -15.78
CA ASP B 118 -2.73 21.56 -16.17
C ASP B 118 -1.65 22.36 -15.45
N THR B 119 -1.88 23.65 -15.23
CA THR B 119 -0.90 24.46 -14.53
C THR B 119 -0.79 23.98 -13.09
N ARG B 120 -1.93 23.62 -12.50
CA ARG B 120 -1.95 23.15 -11.11
C ARG B 120 -1.20 21.82 -10.98
N LEU B 121 -1.39 20.92 -11.94
CA LEU B 121 -0.70 19.64 -11.92
C LEU B 121 0.79 19.86 -12.09
N ASN B 122 1.18 20.83 -12.92
CA ASN B 122 2.61 21.05 -13.10
C ASN B 122 3.25 21.66 -11.87
N ASN B 123 2.42 22.13 -10.94
CA ASN B 123 2.92 22.78 -9.72
C ASN B 123 2.18 22.28 -8.49
N ARG B 124 2.09 20.97 -8.37
CA ARG B 124 1.38 20.37 -7.25
C ARG B 124 1.80 20.83 -5.89
N PHE B 125 3.10 21.13 -5.69
CA PHE B 125 3.56 21.59 -4.39
C PHE B 125 2.90 22.90 -4.00
N MET B 126 2.57 23.72 -4.98
CA MET B 126 1.87 24.99 -4.70
C MET B 126 0.39 24.70 -4.54
N ASP B 127 -0.13 23.83 -5.41
CA ASP B 127 -1.54 23.51 -5.40
C ASP B 127 -2.05 23.05 -4.03
N LEU B 128 -1.29 22.17 -3.38
CA LEU B 128 -1.71 21.68 -2.07
C LEU B 128 -1.66 22.71 -0.94
N ARG B 129 -1.09 23.87 -1.19
CA ARG B 129 -1.06 24.91 -0.16
C ARG B 129 -2.45 25.49 -0.02
N ARG B 130 -3.32 25.21 -0.98
CA ARG B 130 -4.70 25.68 -0.88
C ARG B 130 -5.47 24.62 -0.10
N PRO B 131 -6.19 25.04 0.95
CA PRO B 131 -6.97 24.15 1.80
C PRO B 131 -7.88 23.14 1.07
N GLU B 132 -8.58 23.56 0.02
CA GLU B 132 -9.47 22.62 -0.65
C GLU B 132 -8.74 21.50 -1.39
N VAL B 133 -7.48 21.71 -1.75
CA VAL B 133 -6.71 20.67 -2.42
C VAL B 133 -6.09 19.77 -1.35
N MET B 134 -5.49 20.38 -0.32
CA MET B 134 -4.92 19.58 0.77
C MET B 134 -6.03 18.68 1.32
N ALA B 135 -7.27 19.19 1.34
CA ALA B 135 -8.39 18.43 1.86
C ALA B 135 -8.57 17.13 1.10
N ILE B 136 -8.44 17.20 -0.20
CA ILE B 136 -8.61 16.00 -1.01
C ILE B 136 -7.53 14.97 -0.68
N PHE B 137 -6.29 15.43 -0.54
CA PHE B 137 -5.25 14.44 -0.28
C PHE B 137 -5.24 13.89 1.13
N LYS B 138 -5.76 14.67 2.09
CA LYS B 138 -5.88 14.18 3.45
C LYS B 138 -6.96 13.12 3.39
N ILE B 139 -8.04 13.41 2.66
CA ILE B 139 -9.11 12.42 2.56
C ILE B 139 -8.63 11.18 1.81
N ARG B 140 -7.82 11.34 0.79
CA ARG B 140 -7.30 10.17 0.09
C ARG B 140 -6.57 9.25 1.09
N SER B 141 -5.71 9.84 1.91
CA SER B 141 -4.99 9.03 2.88
C SER B 141 -5.96 8.37 3.88
N SER B 142 -7.00 9.09 4.31
CA SER B 142 -7.94 8.46 5.24
C SER B 142 -8.68 7.28 4.57
N VAL B 143 -9.05 7.43 3.31
CA VAL B 143 -9.74 6.34 2.61
C VAL B 143 -8.87 5.09 2.55
N PHE B 144 -7.59 5.25 2.22
CA PHE B 144 -6.70 4.08 2.16
C PHE B 144 -6.63 3.41 3.53
N LYS B 145 -6.50 4.21 4.58
CA LYS B 145 -6.43 3.62 5.93
C LYS B 145 -7.70 2.89 6.34
N ALA B 146 -8.86 3.51 6.10
CA ALA B 146 -10.13 2.90 6.47
C ALA B 146 -10.29 1.55 5.74
N VAL B 147 -9.93 1.53 4.46
CA VAL B 147 -10.06 0.30 3.69
C VAL B 147 -9.18 -0.81 4.28
N ARG B 148 -7.91 -0.50 4.54
CA ARG B 148 -7.04 -1.52 5.11
C ARG B 148 -7.52 -1.95 6.50
N ASP B 149 -8.00 -1.00 7.31
CA ASP B 149 -8.47 -1.40 8.65
C ASP B 149 -9.65 -2.38 8.54
N PHE B 150 -10.56 -2.09 7.61
CA PHE B 150 -11.74 -2.96 7.46
C PHE B 150 -11.26 -4.36 7.04
N PHE B 151 -10.36 -4.43 6.06
CA PHE B 151 -9.83 -5.74 5.65
C PHE B 151 -9.22 -6.46 6.86
N HIS B 152 -8.37 -5.77 7.61
CA HIS B 152 -7.74 -6.44 8.75
C HIS B 152 -8.78 -6.96 9.77
N GLU B 153 -9.78 -6.14 10.04
CA GLU B 153 -10.81 -6.51 11.00
C GLU B 153 -11.59 -7.72 10.54
N ASN B 154 -11.59 -7.96 9.23
CA ASN B 154 -12.35 -9.07 8.70
C ASN B 154 -11.51 -10.29 8.33
N GLY B 155 -10.32 -10.39 8.90
CA GLY B 155 -9.48 -11.58 8.68
C GLY B 155 -8.72 -11.64 7.38
N PHE B 156 -8.63 -10.52 6.68
CA PHE B 156 -7.89 -10.53 5.43
C PHE B 156 -6.40 -10.29 5.62
N ILE B 157 -5.59 -10.96 4.80
CA ILE B 157 -4.15 -10.84 4.85
C ILE B 157 -3.71 -10.02 3.62
N GLU B 158 -2.80 -9.06 3.82
CA GLU B 158 -2.35 -8.26 2.70
C GLU B 158 -1.34 -9.05 1.87
N ILE B 159 -1.50 -9.02 0.55
CA ILE B 159 -0.53 -9.68 -0.30
C ILE B 159 0.00 -8.68 -1.33
N HIS B 160 1.04 -9.09 -2.04
CA HIS B 160 1.68 -8.23 -3.03
C HIS B 160 2.02 -9.10 -4.22
N THR B 161 1.49 -8.74 -5.38
CA THR B 161 1.70 -9.53 -6.59
C THR B 161 2.51 -8.71 -7.61
N PRO B 162 3.14 -9.38 -8.58
CA PRO B 162 3.99 -8.70 -9.57
C PRO B 162 3.39 -7.70 -10.53
N LYS B 163 4.12 -6.59 -10.74
CA LYS B 163 3.63 -5.58 -11.69
C LYS B 163 4.35 -5.75 -13.02
N ILE B 164 5.48 -6.45 -13.02
CA ILE B 164 6.18 -6.74 -14.26
C ILE B 164 5.76 -8.16 -14.56
N ILE B 165 5.02 -8.37 -15.64
CA ILE B 165 4.56 -9.72 -15.93
C ILE B 165 4.68 -10.08 -17.40
N ALA B 166 4.60 -11.36 -17.70
CA ALA B 166 4.76 -11.78 -19.08
C ALA B 166 3.73 -12.83 -19.43
N THR B 167 2.59 -12.76 -18.76
CA THR B 167 1.57 -13.75 -19.02
C THR B 167 0.40 -13.21 -19.83
N ALA B 168 -0.44 -14.13 -20.32
CA ALA B 168 -1.58 -13.77 -21.15
C ALA B 168 -2.64 -12.96 -20.40
N THR B 169 -3.50 -12.28 -21.14
CA THR B 169 -4.60 -11.52 -20.56
C THR B 169 -5.79 -11.76 -21.47
N GLU B 170 -6.99 -11.58 -20.95
CA GLU B 170 -8.18 -11.80 -21.75
C GLU B 170 -8.36 -10.83 -22.92
N GLY B 171 -8.16 -9.54 -22.68
CA GLY B 171 -8.38 -8.58 -23.75
C GLY B 171 -7.23 -8.29 -24.69
N GLY B 172 -5.99 -8.39 -24.21
CA GLY B 172 -4.85 -8.10 -25.06
C GLY B 172 -4.84 -6.67 -25.58
N THR B 173 -5.36 -5.74 -24.79
CA THR B 173 -5.40 -4.33 -25.18
C THR B 173 -4.99 -3.44 -24.00
N GLU B 174 -4.64 -2.20 -24.33
CA GLU B 174 -4.22 -1.22 -23.33
C GLU B 174 -2.98 -1.64 -22.57
N LEU B 175 -2.15 -2.46 -23.18
CA LEU B 175 -0.96 -2.94 -22.50
C LEU B 175 0.22 -1.99 -22.63
N PHE B 176 1.06 -1.94 -21.60
CA PHE B 176 2.29 -1.16 -21.64
C PHE B 176 3.41 -2.18 -21.78
N PRO B 177 3.90 -2.40 -23.01
CA PRO B 177 5.00 -3.36 -23.24
C PRO B 177 6.31 -2.80 -22.66
N MET B 178 7.20 -3.69 -22.23
CA MET B 178 8.49 -3.25 -21.72
C MET B 178 9.48 -4.39 -21.90
N LYS B 179 10.73 -4.06 -22.19
CA LYS B 179 11.76 -5.09 -22.33
C LYS B 179 12.18 -5.48 -20.91
N TYR B 180 12.40 -6.77 -20.68
CA TYR B 180 12.86 -7.24 -19.39
C TYR B 180 14.13 -8.00 -19.78
N PHE B 181 15.26 -7.30 -19.83
CA PHE B 181 16.54 -7.88 -20.27
C PHE B 181 16.34 -8.40 -21.70
N GLU B 182 16.44 -9.70 -21.94
CA GLU B 182 16.25 -10.18 -23.31
C GLU B 182 14.82 -10.59 -23.61
N GLU B 183 13.99 -10.63 -22.57
CA GLU B 183 12.61 -11.06 -22.67
C GLU B 183 11.62 -9.90 -22.84
N ASP B 184 10.41 -10.19 -23.29
CA ASP B 184 9.43 -9.14 -23.44
C ASP B 184 8.44 -9.29 -22.30
N ALA B 185 8.04 -8.17 -21.72
CA ALA B 185 7.11 -8.21 -20.60
C ALA B 185 6.11 -7.06 -20.76
N PHE B 186 5.23 -6.90 -19.78
CA PHE B 186 4.23 -5.82 -19.81
C PHE B 186 3.98 -5.41 -18.37
N LEU B 187 3.42 -4.22 -18.17
CA LEU B 187 3.09 -3.78 -16.82
C LEU B 187 1.71 -4.39 -16.52
N ALA B 188 1.50 -4.83 -15.28
CA ALA B 188 0.22 -5.45 -14.93
C ALA B 188 -0.97 -4.48 -14.94
N GLU B 189 -2.12 -4.96 -15.39
CA GLU B 189 -3.34 -4.14 -15.46
C GLU B 189 -4.30 -4.48 -14.30
N SER B 190 -3.97 -5.56 -13.60
CA SER B 190 -4.81 -6.04 -12.51
C SER B 190 -4.14 -7.29 -11.96
N PRO B 191 -4.27 -7.52 -10.65
CA PRO B 191 -3.68 -8.72 -10.06
C PRO B 191 -4.62 -9.94 -10.16
N GLN B 192 -5.69 -9.81 -10.95
CA GLN B 192 -6.71 -10.85 -11.09
C GLN B 192 -6.24 -12.31 -11.10
N LEU B 193 -5.35 -12.66 -12.04
CA LEU B 193 -4.89 -14.03 -12.13
C LEU B 193 -4.12 -14.46 -10.91
N TYR B 194 -3.31 -13.55 -10.37
CA TYR B 194 -2.53 -13.88 -9.19
C TYR B 194 -3.34 -14.00 -7.91
N LYS B 195 -4.31 -13.12 -7.68
CA LYS B 195 -5.09 -13.28 -6.44
C LYS B 195 -5.92 -14.58 -6.50
N GLU B 196 -6.36 -14.97 -7.69
CA GLU B 196 -7.11 -16.22 -7.81
C GLU B 196 -6.18 -17.39 -7.52
N ILE B 197 -4.98 -17.37 -8.10
CA ILE B 197 -4.03 -18.43 -7.86
C ILE B 197 -3.83 -18.60 -6.34
N MET B 198 -3.74 -17.49 -5.63
CA MET B 198 -3.55 -17.59 -4.20
C MET B 198 -4.77 -18.15 -3.44
N MET B 199 -5.91 -18.27 -4.11
CA MET B 199 -7.06 -18.86 -3.42
C MET B 199 -6.83 -20.36 -3.24
N ALA B 200 -5.83 -20.89 -3.95
CA ALA B 200 -5.47 -22.31 -3.81
C ALA B 200 -4.40 -22.52 -2.74
N SER B 201 -3.99 -21.45 -2.06
CA SER B 201 -2.91 -21.51 -1.08
C SER B 201 -3.31 -21.70 0.40
N GLY B 202 -4.59 -21.46 0.70
CA GLY B 202 -5.01 -21.52 2.09
C GLY B 202 -5.10 -20.09 2.62
N LEU B 203 -4.47 -19.10 1.98
CA LEU B 203 -4.60 -17.73 2.49
C LEU B 203 -6.08 -17.33 2.62
N ASP B 204 -6.91 -17.79 1.67
CA ASP B 204 -8.38 -17.58 1.69
C ASP B 204 -8.96 -16.18 1.58
N ARG B 205 -8.39 -15.25 2.34
CA ARG B 205 -8.92 -13.87 2.36
C ARG B 205 -7.73 -12.95 2.16
N VAL B 206 -7.61 -12.42 0.95
CA VAL B 206 -6.49 -11.55 0.64
C VAL B 206 -6.93 -10.21 0.04
N TYR B 207 -6.06 -9.23 0.21
CA TYR B 207 -6.26 -7.94 -0.43
C TYR B 207 -4.90 -7.38 -0.80
N GLU B 208 -4.92 -6.50 -1.80
CA GLU B 208 -3.72 -5.87 -2.26
C GLU B 208 -4.12 -4.46 -2.63
N ILE B 209 -3.29 -3.48 -2.28
CA ILE B 209 -3.58 -2.11 -2.68
C ILE B 209 -2.30 -1.70 -3.39
N ALA B 210 -2.41 -1.54 -4.70
CA ALA B 210 -1.20 -1.31 -5.47
C ALA B 210 -1.53 -0.71 -6.81
N PRO B 211 -0.52 -0.19 -7.51
CA PRO B 211 -0.81 0.40 -8.81
C PRO B 211 -1.17 -0.58 -9.93
N ILE B 212 -1.94 -0.09 -10.90
CA ILE B 212 -2.28 -0.87 -12.10
C ILE B 212 -1.92 0.09 -13.22
N PHE B 213 -1.52 -0.44 -14.34
CA PHE B 213 -1.09 0.38 -15.47
C PHE B 213 -1.86 -0.02 -16.72
N ARG B 214 -2.56 0.94 -17.31
CA ARG B 214 -3.34 0.64 -18.51
C ARG B 214 -3.15 1.78 -19.50
N ALA B 215 -2.74 1.43 -20.70
CA ALA B 215 -2.50 2.42 -21.74
C ALA B 215 -3.84 2.74 -22.41
N GLU B 216 -4.70 3.44 -21.69
CA GLU B 216 -6.02 3.77 -22.21
C GLU B 216 -5.89 4.48 -23.56
N GLU B 217 -6.80 4.16 -24.46
CA GLU B 217 -6.79 4.69 -25.82
C GLU B 217 -6.91 6.21 -25.90
N HIS B 218 -7.82 6.77 -25.10
CA HIS B 218 -8.03 8.20 -25.08
C HIS B 218 -8.39 8.67 -23.68
N ASN B 219 -8.21 9.97 -23.46
CA ASN B 219 -8.48 10.59 -22.16
C ASN B 219 -9.97 10.72 -21.82
N THR B 220 -10.27 10.65 -20.53
CA THR B 220 -11.63 10.85 -20.02
C THR B 220 -11.43 11.42 -18.63
N THR B 221 -12.47 11.97 -18.04
CA THR B 221 -12.37 12.53 -16.70
C THR B 221 -12.44 11.41 -15.66
N ARG B 222 -12.56 10.16 -16.12
CA ARG B 222 -12.71 8.99 -15.22
C ARG B 222 -11.58 7.95 -15.29
N HIS B 223 -10.64 8.10 -16.22
CA HIS B 223 -9.56 7.14 -16.35
C HIS B 223 -8.18 7.80 -16.24
N LEU B 224 -7.22 7.01 -15.81
CA LEU B 224 -5.83 7.44 -15.74
C LEU B 224 -5.08 6.23 -16.28
N ASN B 225 -3.86 6.42 -16.78
CA ASN B 225 -3.09 5.29 -17.28
C ASN B 225 -2.31 4.62 -16.15
N GLU B 226 -2.26 5.28 -15.00
CA GLU B 226 -1.63 4.70 -13.80
C GLU B 226 -2.65 4.99 -12.69
N ALA B 227 -3.05 3.97 -11.95
CA ALA B 227 -4.06 4.17 -10.91
C ALA B 227 -3.81 3.18 -9.78
N TRP B 228 -4.52 3.36 -8.68
CA TRP B 228 -4.33 2.48 -7.53
C TRP B 228 -5.57 1.66 -7.40
N SER B 229 -5.37 0.34 -7.41
CA SER B 229 -6.49 -0.56 -7.33
C SER B 229 -6.49 -1.27 -5.97
N ILE B 230 -7.68 -1.38 -5.39
CA ILE B 230 -7.90 -2.06 -4.12
C ILE B 230 -8.54 -3.39 -4.54
N ASP B 231 -7.74 -4.44 -4.52
CA ASP B 231 -8.18 -5.76 -4.92
C ASP B 231 -8.35 -6.71 -3.77
N SER B 232 -9.38 -7.54 -3.84
CA SER B 232 -9.59 -8.55 -2.84
C SER B 232 -10.10 -9.82 -3.50
N GLU B 233 -9.83 -10.95 -2.87
CA GLU B 233 -10.33 -12.22 -3.36
C GLU B 233 -10.60 -13.00 -2.07
N MET B 234 -11.73 -13.69 -2.03
CA MET B 234 -12.08 -14.42 -0.83
C MET B 234 -12.67 -15.78 -1.16
N ALA B 235 -12.19 -16.78 -0.43
CA ALA B 235 -12.61 -18.15 -0.67
C ALA B 235 -13.71 -18.69 0.28
N PHE B 236 -14.26 -19.82 -0.13
CA PHE B 236 -15.31 -20.51 0.60
C PHE B 236 -16.62 -19.77 0.65
N ILE B 237 -16.86 -18.95 -0.38
CA ILE B 237 -18.14 -18.26 -0.49
C ILE B 237 -19.15 -19.20 -1.13
N GLU B 238 -20.43 -18.93 -0.92
CA GLU B 238 -21.51 -19.72 -1.52
C GLU B 238 -22.11 -19.05 -2.75
N ASP B 239 -21.94 -17.74 -2.85
CA ASP B 239 -22.41 -16.99 -4.02
C ASP B 239 -21.78 -15.60 -4.09
N GLU B 240 -22.06 -14.85 -5.14
CA GLU B 240 -21.46 -13.55 -5.31
C GLU B 240 -22.06 -12.49 -4.39
N GLU B 241 -23.27 -12.73 -3.86
CA GLU B 241 -23.85 -11.75 -2.92
C GLU B 241 -23.01 -11.64 -1.67
N GLU B 242 -22.29 -12.69 -1.30
CA GLU B 242 -21.46 -12.57 -0.10
C GLU B 242 -20.32 -11.59 -0.39
N VAL B 243 -19.85 -11.59 -1.63
CA VAL B 243 -18.79 -10.66 -2.02
C VAL B 243 -19.36 -9.23 -2.08
N MET B 244 -20.56 -9.09 -2.65
CA MET B 244 -21.18 -7.76 -2.74
C MET B 244 -21.44 -7.22 -1.33
N SER B 245 -21.87 -8.09 -0.43
CA SER B 245 -22.14 -7.65 0.93
C SER B 245 -20.84 -7.14 1.55
N PHE B 246 -19.77 -7.88 1.35
CA PHE B 246 -18.49 -7.44 1.91
C PHE B 246 -18.08 -6.09 1.34
N LEU B 247 -18.13 -6.00 0.02
CA LEU B 247 -17.74 -4.75 -0.67
C LEU B 247 -18.54 -3.55 -0.18
N GLU B 248 -19.87 -3.68 -0.11
CA GLU B 248 -20.63 -2.51 0.32
C GLU B 248 -20.28 -2.11 1.74
N ARG B 249 -20.04 -3.08 2.61
CA ARG B 249 -19.67 -2.72 4.00
C ARG B 249 -18.31 -2.04 4.04
N LEU B 250 -17.39 -2.48 3.18
CA LEU B 250 -16.07 -1.88 3.09
C LEU B 250 -16.22 -0.44 2.62
N VAL B 251 -17.01 -0.23 1.57
CA VAL B 251 -17.18 1.11 1.04
C VAL B 251 -17.88 2.01 2.07
N ALA B 252 -18.90 1.48 2.73
CA ALA B 252 -19.60 2.26 3.73
C ALA B 252 -18.61 2.62 4.85
N HIS B 253 -17.75 1.68 5.22
CA HIS B 253 -16.77 1.96 6.29
C HIS B 253 -15.86 3.12 5.89
N ALA B 254 -15.37 3.10 4.65
CA ALA B 254 -14.49 4.17 4.18
C ALA B 254 -15.26 5.50 4.20
N ILE B 255 -16.49 5.49 3.71
CA ILE B 255 -17.27 6.74 3.69
C ILE B 255 -17.49 7.27 5.13
N ASN B 256 -17.86 6.39 6.04
CA ASN B 256 -18.10 6.81 7.43
C ASN B 256 -16.85 7.27 8.15
N TYR B 257 -15.71 6.71 7.77
CA TYR B 257 -14.47 7.13 8.38
C TYR B 257 -14.19 8.57 7.93
N VAL B 258 -14.38 8.83 6.64
CA VAL B 258 -14.16 10.19 6.12
C VAL B 258 -15.14 11.15 6.81
N ARG B 259 -16.40 10.74 6.92
CA ARG B 259 -17.39 11.59 7.59
C ARG B 259 -17.00 11.87 9.05
N GLU B 260 -16.44 10.87 9.73
CA GLU B 260 -16.08 11.04 11.11
C GLU B 260 -14.77 11.77 11.34
N HIS B 261 -13.74 11.35 10.61
CA HIS B 261 -12.39 11.87 10.77
C HIS B 261 -12.02 13.10 9.96
N ASN B 262 -12.73 13.34 8.85
CA ASN B 262 -12.42 14.47 8.01
C ASN B 262 -13.53 15.51 7.82
N ALA B 263 -14.32 15.73 8.87
CA ALA B 263 -15.41 16.70 8.81
C ALA B 263 -14.85 18.07 8.44
N LYS B 264 -13.69 18.42 9.02
CA LYS B 264 -13.07 19.70 8.72
C LYS B 264 -12.82 19.85 7.22
N GLU B 265 -12.30 18.79 6.60
CA GLU B 265 -12.00 18.81 5.18
C GLU B 265 -13.26 18.86 4.32
N LEU B 266 -14.29 18.13 4.71
CA LEU B 266 -15.54 18.13 3.97
C LEU B 266 -16.14 19.54 4.01
N ASP B 267 -16.04 20.22 5.15
CA ASP B 267 -16.54 21.59 5.31
C ASP B 267 -15.75 22.55 4.39
N ILE B 268 -14.43 22.37 4.33
CA ILE B 268 -13.61 23.22 3.45
C ILE B 268 -14.05 23.02 1.99
N LEU B 269 -14.44 21.79 1.67
CA LEU B 269 -14.89 21.43 0.34
C LEU B 269 -16.37 21.81 0.17
N ASN B 270 -16.97 22.38 1.21
CA ASN B 270 -18.39 22.76 1.18
C ASN B 270 -19.17 21.55 0.67
N PHE B 271 -18.87 20.39 1.23
CA PHE B 271 -19.52 19.16 0.76
C PHE B 271 -20.13 18.37 1.89
N GLU B 272 -21.35 17.87 1.66
CA GLU B 272 -22.04 17.08 2.66
C GLU B 272 -22.00 15.64 2.19
N LEU B 273 -21.15 14.84 2.85
CA LEU B 273 -21.01 13.43 2.48
C LEU B 273 -22.08 12.66 3.21
N GLU B 274 -22.90 11.96 2.44
CA GLU B 274 -24.04 11.21 2.95
C GLU B 274 -23.75 9.97 3.81
N GLU B 275 -24.56 9.76 4.82
CA GLU B 275 -24.42 8.57 5.63
C GLU B 275 -24.87 7.38 4.75
N PRO B 276 -24.01 6.36 4.61
CA PRO B 276 -24.35 5.17 3.81
C PRO B 276 -25.60 4.46 4.36
N LYS B 277 -26.42 3.94 3.45
CA LYS B 277 -27.60 3.17 3.81
C LYS B 277 -27.47 1.77 3.21
N LEU B 278 -27.13 0.81 4.06
CA LEU B 278 -26.98 -0.58 3.63
C LEU B 278 -28.23 -1.38 3.91
N PRO B 279 -28.53 -2.35 3.05
CA PRO B 279 -27.74 -2.70 1.86
C PRO B 279 -28.06 -1.74 0.70
N PHE B 280 -27.11 -1.53 -0.20
CA PHE B 280 -27.34 -0.68 -1.36
C PHE B 280 -28.34 -1.42 -2.27
N PRO B 281 -29.09 -0.69 -3.10
CA PRO B 281 -30.02 -1.36 -3.99
C PRO B 281 -29.23 -2.23 -4.97
N ARG B 282 -29.86 -3.33 -5.41
CA ARG B 282 -29.29 -4.23 -6.41
C ARG B 282 -30.21 -4.08 -7.60
N VAL B 283 -29.64 -3.79 -8.76
CA VAL B 283 -30.44 -3.66 -9.97
C VAL B 283 -29.91 -4.69 -10.95
N SER B 284 -30.76 -5.59 -11.40
CA SER B 284 -30.30 -6.60 -12.34
C SER B 284 -30.01 -5.91 -13.67
N TYR B 285 -29.17 -6.53 -14.49
CA TYR B 285 -28.84 -5.99 -15.81
C TYR B 285 -30.13 -5.86 -16.64
N ASP B 286 -31.00 -6.87 -16.57
CA ASP B 286 -32.28 -6.85 -17.30
C ASP B 286 -33.08 -5.58 -16.93
N LYS B 287 -33.22 -5.35 -15.64
CA LYS B 287 -33.94 -4.20 -15.13
C LYS B 287 -33.25 -2.92 -15.57
N ALA B 288 -31.91 -2.89 -15.53
CA ALA B 288 -31.18 -1.69 -15.96
C ALA B 288 -31.48 -1.36 -17.42
N LEU B 289 -31.48 -2.37 -18.29
CA LEU B 289 -31.76 -2.14 -19.70
C LEU B 289 -33.20 -1.67 -19.94
N GLU B 290 -34.13 -2.16 -19.13
CA GLU B 290 -35.53 -1.75 -19.24
C GLU B 290 -35.61 -0.27 -18.86
N ILE B 291 -35.02 0.08 -17.72
CA ILE B 291 -34.98 1.48 -17.28
C ILE B 291 -34.34 2.38 -18.35
N LEU B 292 -33.20 1.99 -18.89
CA LEU B 292 -32.55 2.81 -19.89
C LEU B 292 -33.44 2.96 -21.14
N GLY B 293 -34.06 1.84 -21.54
CA GLY B 293 -34.94 1.86 -22.70
C GLY B 293 -36.02 2.92 -22.54
N ASP B 294 -36.64 2.97 -21.37
CA ASP B 294 -37.69 3.96 -21.14
C ASP B 294 -37.13 5.38 -21.17
N LEU B 295 -35.81 5.50 -20.98
CA LEU B 295 -35.17 6.82 -21.02
C LEU B 295 -34.73 7.15 -22.44
N GLY B 296 -34.99 6.26 -23.38
CA GLY B 296 -34.56 6.51 -24.76
C GLY B 296 -33.15 6.04 -25.04
N LYS B 297 -32.56 5.31 -24.09
CA LYS B 297 -31.20 4.79 -24.25
C LYS B 297 -31.21 3.31 -24.62
N GLU B 298 -30.75 3.02 -25.83
CA GLU B 298 -30.72 1.65 -26.32
C GLU B 298 -29.44 0.90 -26.07
N ILE B 299 -29.58 -0.23 -25.39
CA ILE B 299 -28.47 -1.14 -25.15
C ILE B 299 -29.09 -2.50 -25.54
N PRO B 300 -28.54 -3.15 -26.57
CA PRO B 300 -29.05 -4.45 -27.03
C PRO B 300 -28.72 -5.42 -25.92
N TRP B 301 -29.65 -6.32 -25.57
CA TRP B 301 -29.38 -7.28 -24.49
C TRP B 301 -28.16 -8.09 -24.90
N GLY B 302 -27.17 -8.12 -24.02
CA GLY B 302 -25.96 -8.87 -24.31
C GLY B 302 -24.75 -7.97 -24.28
N GLU B 303 -24.95 -6.69 -24.59
CA GLU B 303 -23.83 -5.75 -24.59
C GLU B 303 -23.71 -5.08 -23.22
N ASP B 304 -22.51 -4.62 -22.90
CA ASP B 304 -22.25 -3.98 -21.63
C ASP B 304 -22.95 -2.61 -21.66
N ILE B 305 -23.22 -2.06 -20.49
CA ILE B 305 -23.86 -0.75 -20.39
C ILE B 305 -22.76 0.28 -20.56
N ASP B 306 -22.93 1.25 -21.47
CA ASP B 306 -21.89 2.25 -21.67
C ASP B 306 -21.90 3.39 -20.64
N THR B 307 -20.96 4.32 -20.78
CA THR B 307 -20.86 5.39 -19.79
C THR B 307 -22.10 6.30 -19.75
N GLU B 308 -22.71 6.56 -20.90
CA GLU B 308 -23.94 7.36 -20.91
C GLU B 308 -25.00 6.59 -20.12
N GLY B 309 -25.08 5.28 -20.35
CA GLY B 309 -26.04 4.43 -19.66
C GLY B 309 -25.82 4.49 -18.15
N GLU B 310 -24.57 4.36 -17.72
CA GLU B 310 -24.32 4.47 -16.28
C GLU B 310 -24.78 5.82 -15.74
N ARG B 311 -24.46 6.88 -16.45
CA ARG B 311 -24.84 8.22 -16.01
C ARG B 311 -26.37 8.31 -15.83
N LEU B 312 -27.10 7.85 -16.84
CA LEU B 312 -28.57 7.86 -16.80
C LEU B 312 -29.10 7.04 -15.63
N LEU B 313 -28.54 5.83 -15.42
CA LEU B 313 -28.97 4.98 -14.31
C LEU B 313 -28.66 5.62 -12.95
N GLY B 314 -27.47 6.21 -12.83
CA GLY B 314 -27.12 6.84 -11.56
C GLY B 314 -28.15 7.90 -11.19
N LYS B 315 -28.53 8.69 -12.18
CA LYS B 315 -29.52 9.75 -11.95
C LYS B 315 -30.85 9.14 -11.57
N TYR B 316 -31.25 8.10 -12.30
CA TYR B 316 -32.50 7.40 -12.02
C TYR B 316 -32.52 6.85 -10.58
N MET B 317 -31.40 6.27 -10.15
CA MET B 317 -31.35 5.71 -8.80
C MET B 317 -31.34 6.78 -7.72
N MET B 318 -30.81 7.94 -8.03
CA MET B 318 -30.81 9.01 -7.04
C MET B 318 -32.25 9.54 -6.97
N GLU B 319 -32.87 9.77 -8.13
CA GLU B 319 -34.25 10.29 -8.14
C GLU B 319 -35.27 9.33 -7.55
N ASN B 320 -35.16 8.06 -7.87
CA ASN B 320 -36.12 7.08 -7.39
C ASN B 320 -35.85 6.32 -6.10
N GLU B 321 -34.60 6.27 -5.67
CA GLU B 321 -34.30 5.53 -4.45
C GLU B 321 -33.40 6.33 -3.52
N ASN B 322 -33.06 7.56 -3.90
CA ASN B 322 -32.18 8.39 -3.08
C ASN B 322 -30.91 7.56 -2.79
N ALA B 323 -30.43 6.88 -3.82
CA ALA B 323 -29.27 6.01 -3.64
C ALA B 323 -28.05 6.42 -4.44
N PRO B 324 -27.06 7.02 -3.78
CA PRO B 324 -25.86 7.43 -4.54
C PRO B 324 -25.05 6.20 -4.96
N LEU B 325 -25.22 5.09 -4.22
CA LEU B 325 -24.52 3.82 -4.46
C LEU B 325 -25.46 2.66 -4.72
N TYR B 326 -25.20 1.89 -5.76
CA TYR B 326 -26.06 0.74 -6.03
C TYR B 326 -25.28 -0.21 -6.92
N PHE B 327 -25.69 -1.48 -6.91
CA PHE B 327 -25.06 -2.51 -7.72
C PHE B 327 -25.82 -2.85 -8.98
N LEU B 328 -25.06 -3.10 -10.04
CA LEU B 328 -25.63 -3.63 -11.26
C LEU B 328 -25.17 -5.08 -11.18
N TYR B 329 -26.04 -6.05 -11.42
CA TYR B 329 -25.57 -7.43 -11.36
C TYR B 329 -26.36 -8.36 -12.27
N GLN B 330 -26.04 -9.66 -12.23
CA GLN B 330 -26.63 -10.67 -13.12
C GLN B 330 -26.47 -10.25 -14.59
N TYR B 331 -25.24 -9.90 -14.91
CA TYR B 331 -24.90 -9.51 -16.28
C TYR B 331 -24.93 -10.72 -17.20
N PRO B 332 -25.04 -10.48 -18.50
CA PRO B 332 -25.05 -11.54 -19.49
C PRO B 332 -23.64 -12.17 -19.39
N SER B 333 -23.53 -13.49 -19.40
CA SER B 333 -22.21 -14.13 -19.34
C SER B 333 -21.31 -13.69 -20.49
N GLU B 334 -21.91 -13.40 -21.64
CA GLU B 334 -21.12 -13.00 -22.80
C GLU B 334 -20.48 -11.61 -22.62
N ALA B 335 -20.98 -10.85 -21.67
CA ALA B 335 -20.50 -9.50 -21.45
C ALA B 335 -19.40 -9.37 -20.40
N LYS B 336 -19.10 -10.48 -19.72
CA LYS B 336 -18.10 -10.47 -18.64
C LYS B 336 -16.99 -11.50 -18.87
N PRO B 337 -15.89 -11.40 -18.12
CA PRO B 337 -14.76 -12.34 -18.29
C PRO B 337 -15.00 -13.85 -18.20
N PHE B 338 -14.09 -14.59 -18.84
CA PHE B 338 -14.19 -16.05 -18.86
C PHE B 338 -14.05 -16.63 -17.45
N TYR B 339 -13.46 -15.88 -16.52
CA TYR B 339 -13.29 -16.38 -15.17
C TYR B 339 -14.49 -16.12 -14.25
N ILE B 340 -15.56 -15.55 -14.76
CA ILE B 340 -16.73 -15.36 -13.89
C ILE B 340 -17.59 -16.65 -13.96
N MET B 341 -18.13 -17.07 -12.82
CA MET B 341 -18.97 -18.27 -12.80
C MET B 341 -20.36 -17.92 -13.35
N LYS B 342 -20.91 -18.74 -14.24
CA LYS B 342 -22.26 -18.50 -14.78
C LYS B 342 -23.31 -19.03 -13.80
N TYR B 343 -24.55 -18.56 -13.94
CA TYR B 343 -25.60 -19.16 -13.10
C TYR B 343 -25.82 -20.55 -13.70
N ASP B 344 -25.49 -21.60 -12.95
CA ASP B 344 -25.63 -22.97 -13.46
C ASP B 344 -27.05 -23.21 -13.96
N ASN B 345 -28.02 -22.64 -13.27
CA ASN B 345 -29.42 -22.80 -13.65
C ASN B 345 -29.92 -21.88 -14.77
N LYS B 346 -29.09 -20.93 -15.21
CA LYS B 346 -29.48 -19.99 -16.28
C LYS B 346 -28.16 -19.43 -16.79
N PRO B 347 -27.43 -20.24 -17.56
CA PRO B 347 -26.11 -19.96 -18.14
C PRO B 347 -25.91 -18.67 -18.88
N GLU B 348 -26.99 -18.10 -19.41
CA GLU B 348 -26.82 -16.87 -20.18
C GLU B 348 -26.51 -15.67 -19.28
N ILE B 349 -26.66 -15.81 -17.97
CA ILE B 349 -26.33 -14.71 -17.06
C ILE B 349 -25.25 -15.19 -16.10
N CYS B 350 -24.47 -14.28 -15.55
CA CYS B 350 -23.37 -14.70 -14.69
C CYS B 350 -23.30 -13.98 -13.38
N ARG B 351 -22.42 -14.48 -12.52
CA ARG B 351 -22.29 -13.95 -11.17
C ARG B 351 -21.34 -12.78 -11.04
N ALA B 352 -21.44 -11.82 -11.96
CA ALA B 352 -20.59 -10.63 -11.91
C ALA B 352 -21.44 -9.42 -11.48
N PHE B 353 -20.77 -8.40 -10.96
CA PHE B 353 -21.46 -7.17 -10.53
C PHE B 353 -20.50 -5.98 -10.70
N ASP B 354 -21.07 -4.78 -10.74
CA ASP B 354 -20.34 -3.53 -10.81
C ASP B 354 -21.00 -2.68 -9.73
N LEU B 355 -20.21 -1.96 -8.94
CA LEU B 355 -20.76 -1.08 -7.92
C LEU B 355 -20.61 0.33 -8.54
N GLU B 356 -21.72 1.06 -8.58
CA GLU B 356 -21.81 2.39 -9.18
C GLU B 356 -21.95 3.45 -8.11
N TYR B 357 -21.11 4.48 -8.19
CA TYR B 357 -21.13 5.57 -7.23
C TYR B 357 -21.37 6.86 -8.00
N ARG B 358 -22.52 7.47 -7.77
CA ARG B 358 -22.91 8.69 -8.48
C ARG B 358 -22.84 8.49 -10.00
N GLY B 359 -23.33 7.36 -10.46
CA GLY B 359 -23.38 7.09 -11.89
C GLY B 359 -22.10 6.67 -12.56
N VAL B 360 -21.05 6.40 -11.77
CA VAL B 360 -19.76 5.95 -12.32
C VAL B 360 -19.29 4.67 -11.62
N GLU B 361 -18.87 3.71 -12.41
CA GLU B 361 -18.37 2.45 -11.85
C GLU B 361 -17.15 2.70 -10.95
N ILE B 362 -17.17 2.19 -9.72
CA ILE B 362 -15.99 2.30 -8.86
C ILE B 362 -15.41 0.91 -8.62
N SER B 363 -16.20 -0.12 -8.87
CA SER B 363 -15.71 -1.47 -8.65
C SER B 363 -16.42 -2.49 -9.51
N SER B 364 -15.67 -3.54 -9.85
CA SER B 364 -16.16 -4.66 -10.62
C SER B 364 -15.76 -5.92 -9.87
N GLY B 365 -16.62 -6.95 -9.86
CA GLY B 365 -16.25 -8.18 -9.19
C GLY B 365 -17.20 -9.30 -9.49
N GLY B 366 -17.09 -10.38 -8.73
CA GLY B 366 -17.99 -11.50 -8.93
C GLY B 366 -17.45 -12.80 -8.37
N GLN B 367 -18.30 -13.83 -8.44
CA GLN B 367 -17.84 -15.16 -8.02
C GLN B 367 -17.13 -15.75 -9.25
N ARG B 368 -15.98 -16.39 -9.02
CA ARG B 368 -15.22 -16.96 -10.12
C ARG B 368 -15.59 -18.40 -10.41
N GLU B 369 -15.20 -18.87 -11.59
CA GLU B 369 -15.45 -20.26 -11.93
C GLU B 369 -14.23 -21.03 -11.42
N HIS B 370 -14.39 -21.73 -10.31
CA HIS B 370 -13.28 -22.46 -9.70
C HIS B 370 -13.12 -23.92 -10.19
N ARG B 371 -14.06 -24.40 -11.00
CA ARG B 371 -14.02 -25.77 -11.51
C ARG B 371 -13.23 -25.76 -12.81
N HIS B 372 -12.04 -26.32 -12.75
CA HIS B 372 -11.10 -26.32 -13.87
C HIS B 372 -11.67 -26.56 -15.25
N ASP B 373 -12.34 -27.70 -15.45
CA ASP B 373 -12.88 -28.00 -16.77
C ASP B 373 -13.87 -26.99 -17.31
N ILE B 374 -14.75 -26.47 -16.46
CA ILE B 374 -15.72 -25.47 -16.90
C ILE B 374 -14.99 -24.18 -17.27
N LEU B 375 -14.03 -23.80 -16.44
CA LEU B 375 -13.21 -22.60 -16.67
C LEU B 375 -12.52 -22.69 -18.05
N VAL B 376 -11.87 -23.82 -18.30
CA VAL B 376 -11.22 -24.06 -19.60
C VAL B 376 -12.22 -23.88 -20.76
N GLU B 377 -13.41 -24.42 -20.62
CA GLU B 377 -14.40 -24.26 -21.69
C GLU B 377 -14.77 -22.81 -21.86
N GLN B 378 -14.87 -22.07 -20.76
CA GLN B 378 -15.20 -20.66 -20.88
C GLN B 378 -14.10 -19.89 -21.61
N ILE B 379 -12.85 -20.27 -21.37
CA ILE B 379 -11.76 -19.63 -22.10
C ILE B 379 -11.99 -19.88 -23.59
N LYS B 380 -12.34 -21.12 -23.94
CA LYS B 380 -12.59 -21.45 -25.34
C LYS B 380 -13.80 -20.69 -25.88
N GLU B 381 -14.83 -20.51 -25.05
CA GLU B 381 -16.00 -19.78 -25.53
C GLU B 381 -15.64 -18.34 -25.83
N LYS B 382 -14.62 -17.80 -25.15
CA LYS B 382 -14.19 -16.43 -25.44
C LYS B 382 -13.27 -16.39 -26.67
N GLY B 383 -13.06 -17.56 -27.29
CA GLY B 383 -12.22 -17.65 -28.48
C GLY B 383 -10.74 -17.57 -28.19
N LEU B 384 -10.38 -17.85 -26.94
CA LEU B 384 -8.99 -17.81 -26.52
C LEU B 384 -8.47 -19.22 -26.35
N ASN B 385 -7.14 -19.28 -26.28
CA ASN B 385 -6.36 -20.49 -26.15
C ASN B 385 -6.07 -20.81 -24.68
N PRO B 386 -6.70 -21.87 -24.13
CA PRO B 386 -6.46 -22.24 -22.73
C PRO B 386 -4.98 -22.45 -22.40
N GLU B 387 -4.23 -22.95 -23.37
CA GLU B 387 -2.82 -23.21 -23.13
C GLU B 387 -2.07 -21.95 -22.72
N SER B 388 -2.53 -20.79 -23.17
CA SER B 388 -1.84 -19.55 -22.82
C SER B 388 -2.06 -19.13 -21.37
N PHE B 389 -3.00 -19.80 -20.69
CA PHE B 389 -3.28 -19.50 -19.28
C PHE B 389 -2.90 -20.66 -18.37
N GLU B 390 -2.02 -21.52 -18.87
CA GLU B 390 -1.62 -22.68 -18.10
C GLU B 390 -1.07 -22.43 -16.69
N PHE B 391 -0.23 -21.42 -16.51
CA PHE B 391 0.30 -21.18 -15.16
C PHE B 391 -0.81 -20.89 -14.16
N TYR B 392 -1.87 -20.27 -14.65
CA TYR B 392 -3.04 -19.93 -13.84
C TYR B 392 -3.95 -21.17 -13.67
N LEU B 393 -4.26 -21.86 -14.77
CA LEU B 393 -5.14 -23.02 -14.69
C LEU B 393 -4.60 -24.12 -13.76
N LYS B 394 -3.29 -24.28 -13.72
CA LYS B 394 -2.69 -25.30 -12.87
C LYS B 394 -3.15 -25.17 -11.41
N ALA B 395 -3.31 -23.92 -10.95
CA ALA B 395 -3.73 -23.68 -9.58
C ALA B 395 -5.13 -24.22 -9.25
N PHE B 396 -5.95 -24.50 -10.26
CA PHE B 396 -7.30 -25.01 -10.03
C PHE B 396 -7.37 -26.55 -9.97
N ARG B 397 -6.24 -27.20 -10.15
CA ARG B 397 -6.23 -28.67 -10.21
C ARG B 397 -5.93 -29.41 -8.95
N TYR B 398 -5.45 -28.69 -7.94
CA TYR B 398 -5.04 -29.36 -6.73
C TYR B 398 -5.75 -28.95 -5.46
N GLY B 399 -7.06 -28.80 -5.57
CA GLY B 399 -7.84 -28.39 -4.41
C GLY B 399 -8.02 -26.88 -4.46
N MET B 400 -9.03 -26.44 -5.20
CA MET B 400 -9.30 -25.00 -5.31
C MET B 400 -10.69 -24.74 -4.76
N PRO B 401 -10.78 -23.97 -3.67
CA PRO B 401 -12.11 -23.69 -3.14
C PRO B 401 -12.88 -22.67 -3.98
N PRO B 402 -14.22 -22.66 -3.84
CA PRO B 402 -14.97 -21.67 -4.61
C PRO B 402 -14.48 -20.30 -4.08
N HIS B 403 -14.51 -19.27 -4.90
CA HIS B 403 -14.04 -17.97 -4.49
C HIS B 403 -14.60 -16.84 -5.35
N GLY B 404 -14.43 -15.61 -4.87
CA GLY B 404 -14.93 -14.46 -5.60
C GLY B 404 -14.17 -13.24 -5.12
N GLY B 405 -14.31 -12.11 -5.80
CA GLY B 405 -13.57 -10.94 -5.35
C GLY B 405 -13.98 -9.71 -6.12
N PHE B 406 -13.19 -8.67 -6.00
CA PHE B 406 -13.47 -7.42 -6.71
C PHE B 406 -12.20 -6.61 -6.85
N GLY B 407 -12.28 -5.62 -7.74
CA GLY B 407 -11.22 -4.66 -7.96
C GLY B 407 -11.96 -3.33 -7.76
N LEU B 408 -11.50 -2.52 -6.79
CA LEU B 408 -12.11 -1.25 -6.43
C LEU B 408 -11.08 -0.17 -6.71
N GLY B 409 -11.37 0.74 -7.64
CA GLY B 409 -10.40 1.78 -7.95
C GLY B 409 -10.35 2.82 -6.87
N ALA B 410 -9.18 3.06 -6.29
CA ALA B 410 -9.03 4.06 -5.24
C ALA B 410 -9.39 5.48 -5.76
N GLU B 411 -8.86 5.85 -6.92
CA GLU B 411 -9.16 7.19 -7.48
C GLU B 411 -10.65 7.28 -7.77
N ARG B 412 -11.21 6.23 -8.37
CA ARG B 412 -12.66 6.22 -8.65
C ARG B 412 -13.46 6.42 -7.38
N LEU B 413 -13.12 5.66 -6.33
CA LEU B 413 -13.84 5.79 -5.07
C LEU B 413 -13.80 7.22 -4.51
N ILE B 414 -12.59 7.79 -4.43
CA ILE B 414 -12.44 9.13 -3.88
C ILE B 414 -13.08 10.20 -4.74
N LYS B 415 -12.87 10.14 -6.06
CA LYS B 415 -13.47 11.12 -6.98
C LYS B 415 -15.00 11.10 -6.83
N GLN B 416 -15.58 9.90 -6.90
CA GLN B 416 -17.04 9.80 -6.80
C GLN B 416 -17.55 10.18 -5.41
N MET B 417 -16.79 9.77 -4.39
CA MET B 417 -17.18 10.08 -3.01
C MET B 417 -17.33 11.60 -2.84
N LEU B 418 -16.37 12.36 -3.38
CA LEU B 418 -16.39 13.83 -3.21
C LEU B 418 -17.07 14.55 -4.36
N ASP B 419 -17.71 13.76 -5.22
CA ASP B 419 -18.43 14.24 -6.39
C ASP B 419 -17.57 15.21 -7.21
N LEU B 420 -16.32 14.84 -7.43
CA LEU B 420 -15.42 15.68 -8.21
C LEU B 420 -15.54 15.39 -9.70
N PRO B 421 -15.49 16.43 -10.52
CA PRO B 421 -15.60 16.31 -11.98
C PRO B 421 -14.48 15.56 -12.67
N ASN B 422 -13.28 15.62 -12.13
CA ASN B 422 -12.17 14.98 -12.82
C ASN B 422 -11.30 14.13 -11.89
N ILE B 423 -10.94 12.93 -12.35
CA ILE B 423 -10.11 11.99 -11.59
C ILE B 423 -8.71 12.57 -11.33
N ARG B 424 -8.29 13.51 -12.16
CA ARG B 424 -6.97 14.14 -11.99
C ARG B 424 -6.90 14.93 -10.69
N GLU B 425 -8.05 15.22 -10.12
CA GLU B 425 -8.07 15.94 -8.84
C GLU B 425 -7.73 15.04 -7.66
N VAL B 426 -7.73 13.71 -7.86
CA VAL B 426 -7.49 12.83 -6.72
C VAL B 426 -6.20 12.01 -6.68
N ILE B 427 -5.30 12.28 -7.61
CA ILE B 427 -4.02 11.60 -7.58
C ILE B 427 -3.00 12.75 -7.82
N LEU B 428 -1.92 12.75 -7.05
CA LEU B 428 -0.95 13.85 -7.17
C LEU B 428 -0.35 14.12 -8.54
N PHE B 429 0.15 13.07 -9.20
CA PHE B 429 0.81 13.24 -10.50
C PHE B 429 0.19 12.31 -11.52
N PRO B 430 -0.93 12.75 -12.15
CA PRO B 430 -1.66 11.97 -13.16
C PRO B 430 -0.81 11.55 -14.33
N ARG B 431 -1.20 10.45 -14.95
CA ARG B 431 -0.56 9.93 -16.16
C ARG B 431 -1.72 9.74 -17.14
N ASP B 432 -1.68 10.44 -18.28
CA ASP B 432 -2.75 10.23 -19.27
C ASP B 432 -2.13 10.24 -20.66
N ARG B 433 -2.96 10.20 -21.70
CA ARG B 433 -2.45 10.13 -23.06
C ARG B 433 -1.25 11.01 -23.37
N ARG B 434 -1.27 12.25 -22.90
CA ARG B 434 -0.14 13.13 -23.16
C ARG B 434 0.64 13.60 -21.93
N ARG B 435 0.11 13.37 -20.73
CA ARG B 435 0.85 13.79 -19.53
C ARG B 435 1.75 12.67 -19.01
N LEU B 436 3.06 12.92 -19.03
CA LEU B 436 4.06 11.98 -18.54
C LEU B 436 4.89 12.67 -17.45
N THR B 437 4.67 13.98 -17.28
CA THR B 437 5.41 14.77 -16.28
C THR B 437 4.52 15.74 -15.55
N PRO B 438 4.93 16.14 -14.34
CA PRO B 438 6.15 15.73 -13.63
C PRO B 438 6.13 14.24 -13.23
#